data_5TDX
#
_entry.id   5TDX
#
_cell.length_a   108.265
_cell.length_b   108.265
_cell.length_c   201.188
_cell.angle_alpha   90.000
_cell.angle_beta   90.000
_cell.angle_gamma   90.000
#
_symmetry.space_group_name_H-M   'P 43 21 2'
#
loop_
_entity.id
_entity.type
_entity.pdbx_description
1 polymer 'Ancestral Hydroxynitrile Lyase 1'
2 non-polymer GLYCEROL
3 water water
#
_entity_poly.entity_id   1
_entity_poly.type   'polypeptide(L)'
_entity_poly.pdbx_seq_one_letter_code
;MATAHFVLIHTICHGAWIWYKLKPLLEAAGHKVTALDLAASGIDPRQIEQINTFDEYSEPLLTFMESLPQGEKVILVGES
CGGLNIALAADKYPEKISAAVFHNALMPDTEHSPSYVVDKFMEVFPDWKDTEFSTYTSNNETITGMKLGFKLMRENLYTN
CPIEDYELAKMLTRKGSFFQNDLAQRPKFTEEGYGSIKRVYVWTDEDKIFPPEFQLWQIENYKPDKVYRVQGGDHKLQLS
KTNELAEILQEVADTYADLLAVAGLEHHHHHH
;
_entity_poly.pdbx_strand_id   A,B,C,D
#
loop_
_chem_comp.id
_chem_comp.type
_chem_comp.name
_chem_comp.formula
GOL non-polymer GLYCEROL 'C3 H8 O3'
#
# COMPACT_ATOMS: atom_id res chain seq x y z
N ALA A 2 24.05 -14.98 -7.59
CA ALA A 2 22.80 -14.73 -6.73
C ALA A 2 22.05 -13.45 -7.21
N THR A 3 22.82 -12.35 -7.28
CA THR A 3 22.30 -11.04 -7.52
C THR A 3 22.77 -10.45 -8.82
N ALA A 4 22.02 -9.48 -9.31
CA ALA A 4 22.15 -9.01 -10.66
C ALA A 4 22.08 -7.51 -10.58
N HIS A 5 22.29 -6.88 -11.69
CA HIS A 5 22.05 -5.46 -11.87
C HIS A 5 20.94 -5.27 -12.85
N PHE A 6 19.75 -4.87 -12.38
CA PHE A 6 18.63 -4.67 -13.27
C PHE A 6 18.59 -3.18 -13.74
N VAL A 7 18.39 -2.99 -15.00
CA VAL A 7 18.22 -1.66 -15.63
C VAL A 7 16.78 -1.62 -16.17
N LEU A 8 15.97 -0.83 -15.55
CA LEU A 8 14.55 -0.76 -15.83
C LEU A 8 14.31 0.41 -16.79
N ILE A 9 13.51 0.19 -17.81
CA ILE A 9 13.35 1.10 -18.91
C ILE A 9 11.88 1.27 -19.22
N HIS A 10 11.41 2.46 -18.93
CA HIS A 10 10.03 2.85 -19.15
C HIS A 10 9.67 2.97 -20.58
N THR A 11 8.35 3.00 -20.79
CA THR A 11 7.78 3.30 -22.02
C THR A 11 7.62 4.84 -22.38
N ILE A 12 7.24 5.13 -23.62
CA ILE A 12 6.97 6.49 -24.07
C ILE A 12 5.89 7.17 -23.23
N CYS A 13 6.11 8.46 -22.96
CA CYS A 13 5.16 9.27 -22.12
C CYS A 13 5.29 9.06 -20.66
N HIS A 14 6.10 8.06 -20.24
CA HIS A 14 6.36 7.77 -18.87
C HIS A 14 7.83 8.16 -18.50
N GLY A 15 8.31 7.72 -17.33
CA GLY A 15 9.56 8.01 -16.79
C GLY A 15 9.98 6.95 -15.80
N ALA A 16 11.15 7.17 -15.23
CA ALA A 16 11.73 6.31 -14.22
C ALA A 16 10.73 6.01 -13.10
N TRP A 17 9.84 6.99 -12.86
CA TRP A 17 8.88 6.96 -11.77
C TRP A 17 7.90 5.76 -11.85
N ILE A 18 7.75 5.16 -12.98
CA ILE A 18 6.78 4.08 -13.12
C ILE A 18 7.35 2.86 -12.34
N TRP A 19 8.65 2.88 -12.02
CA TRP A 19 9.23 1.77 -11.34
C TRP A 19 9.34 1.96 -9.83
N TYR A 20 8.61 2.96 -9.32
CA TYR A 20 8.74 3.26 -7.92
C TYR A 20 8.51 2.12 -6.89
N LYS A 21 7.70 1.12 -7.22
N LYS A 21 7.56 1.23 -7.20
CA LYS A 21 7.37 0.02 -6.34
CA LYS A 21 7.26 0.04 -6.41
C LYS A 21 8.09 -1.24 -6.69
C LYS A 21 8.28 -1.05 -6.68
N LEU A 22 8.52 -1.40 -7.97
CA LEU A 22 9.32 -2.52 -8.26
C LEU A 22 10.76 -2.39 -7.76
N LYS A 23 11.36 -1.23 -7.97
CA LYS A 23 12.71 -1.01 -7.61
C LYS A 23 13.15 -1.37 -6.19
N PRO A 24 12.44 -0.87 -5.12
CA PRO A 24 12.78 -1.24 -3.82
C PRO A 24 12.48 -2.70 -3.55
N LEU A 25 11.47 -3.27 -4.22
CA LEU A 25 11.20 -4.68 -4.01
C LEU A 25 12.41 -5.54 -4.47
N LEU A 26 12.92 -5.23 -5.64
CA LEU A 26 14.14 -5.90 -6.15
C LEU A 26 15.37 -5.61 -5.26
N GLU A 27 15.49 -4.39 -4.72
CA GLU A 27 16.58 -4.10 -3.81
C GLU A 27 16.56 -4.92 -2.54
N ALA A 28 15.38 -5.33 -2.11
CA ALA A 28 15.33 -6.14 -0.90
C ALA A 28 16.05 -7.49 -1.02
N ALA A 29 16.04 -8.07 -2.22
CA ALA A 29 16.70 -9.28 -2.48
C ALA A 29 18.18 -9.06 -2.67
N GLY A 30 18.67 -7.87 -2.64
CA GLY A 30 20.17 -7.68 -2.76
C GLY A 30 20.57 -7.24 -4.16
N HIS A 31 19.62 -7.07 -5.09
CA HIS A 31 19.97 -6.61 -6.43
C HIS A 31 20.32 -5.10 -6.53
N LYS A 32 21.13 -4.79 -7.51
CA LYS A 32 21.33 -3.41 -7.89
C LYS A 32 20.25 -3.06 -8.90
N VAL A 33 19.65 -1.87 -8.86
CA VAL A 33 18.63 -1.54 -9.82
C VAL A 33 18.92 -0.15 -10.26
N THR A 34 18.99 0.07 -11.53
CA THR A 34 19.01 1.41 -12.07
C THR A 34 17.71 1.67 -12.85
N ALA A 35 17.02 2.81 -12.59
CA ALA A 35 15.82 3.18 -13.37
C ALA A 35 16.10 4.56 -14.03
N LEU A 36 16.17 4.62 -15.34
CA LEU A 36 16.63 5.80 -16.07
C LEU A 36 15.46 6.58 -16.61
N ASP A 37 15.60 7.91 -16.67
CA ASP A 37 14.65 8.72 -17.54
C ASP A 37 15.27 8.68 -18.94
N LEU A 38 14.57 8.25 -19.93
CA LEU A 38 15.04 8.43 -21.32
C LEU A 38 14.87 9.92 -21.70
N ALA A 39 15.32 10.27 -22.88
CA ALA A 39 15.25 11.70 -23.29
C ALA A 39 13.82 12.21 -23.22
N ALA A 40 13.68 13.46 -22.77
CA ALA A 40 12.37 14.15 -22.67
C ALA A 40 11.31 13.38 -21.94
N SER A 41 11.75 12.51 -21.04
CA SER A 41 10.87 11.70 -20.27
C SER A 41 11.08 11.97 -18.72
N GLY A 42 10.02 11.76 -17.96
CA GLY A 42 10.04 11.98 -16.47
C GLY A 42 10.48 13.42 -16.16
N ILE A 43 11.61 13.57 -15.47
CA ILE A 43 12.18 14.84 -15.18
C ILE A 43 13.39 15.20 -15.98
N ASP A 44 13.66 14.50 -17.09
CA ASP A 44 14.65 15.00 -18.02
C ASP A 44 14.22 16.40 -18.46
N PRO A 45 15.15 17.36 -18.60
CA PRO A 45 14.78 18.78 -18.97
C PRO A 45 14.41 19.02 -20.41
N ARG A 46 14.69 18.10 -21.36
CA ARG A 46 14.37 18.33 -22.74
C ARG A 46 12.88 18.07 -22.93
N GLN A 47 12.23 18.79 -23.85
CA GLN A 47 10.92 18.41 -24.29
C GLN A 47 11.04 17.48 -25.52
N ILE A 48 9.94 16.80 -25.88
CA ILE A 48 10.07 15.77 -26.93
C ILE A 48 10.36 16.38 -28.27
N GLU A 49 9.91 17.61 -28.45
CA GLU A 49 10.04 18.35 -29.70
C GLU A 49 11.44 18.67 -30.02
N GLN A 50 12.39 18.50 -29.11
CA GLN A 50 13.79 18.69 -29.43
C GLN A 50 14.50 17.38 -29.73
N ILE A 51 13.86 16.22 -29.61
CA ILE A 51 14.37 14.88 -29.85
C ILE A 51 13.93 14.45 -31.25
N ASN A 52 14.96 14.22 -32.08
CA ASN A 52 14.71 13.92 -33.52
C ASN A 52 14.64 12.49 -33.97
N THR A 53 15.23 11.56 -33.22
CA THR A 53 15.31 10.24 -33.64
C THR A 53 15.15 9.30 -32.48
N PHE A 54 14.85 8.03 -32.77
CA PHE A 54 14.73 7.08 -31.74
C PHE A 54 16.10 6.89 -30.97
N ASP A 55 17.17 6.99 -31.72
CA ASP A 55 18.50 7.00 -31.15
C ASP A 55 18.70 8.10 -30.11
N GLU A 56 18.35 9.33 -30.40
CA GLU A 56 18.42 10.42 -29.40
C GLU A 56 17.55 10.12 -28.27
N TYR A 57 16.32 9.65 -28.53
CA TYR A 57 15.37 9.35 -27.45
C TYR A 57 16.04 8.31 -26.39
N SER A 58 16.71 7.33 -26.95
CA SER A 58 17.37 6.23 -26.21
C SER A 58 18.73 6.58 -25.67
N GLU A 59 19.24 7.77 -25.95
CA GLU A 59 20.61 8.12 -25.56
C GLU A 59 20.91 7.86 -24.08
N PRO A 60 19.99 8.25 -23.12
CA PRO A 60 20.46 7.97 -21.73
C PRO A 60 20.73 6.51 -21.38
N LEU A 61 19.98 5.59 -21.99
CA LEU A 61 20.27 4.20 -21.85
C LEU A 61 21.64 3.83 -22.46
N LEU A 62 21.88 4.26 -23.70
CA LEU A 62 23.14 3.90 -24.41
C LEU A 62 24.35 4.53 -23.72
N THR A 63 24.24 5.74 -23.17
N THR A 63 24.19 5.75 -23.19
CA THR A 63 25.41 6.25 -22.48
CA THR A 63 25.21 6.39 -22.38
C THR A 63 25.58 5.58 -21.09
C THR A 63 25.53 5.57 -21.13
N PHE A 64 24.49 5.08 -20.48
CA PHE A 64 24.64 4.29 -19.30
C PHE A 64 25.35 2.96 -19.59
N MET A 65 24.95 2.32 -20.67
CA MET A 65 25.53 1.07 -21.10
C MET A 65 26.99 1.29 -21.43
N GLU A 66 27.25 2.41 -22.08
CA GLU A 66 28.63 2.82 -22.45
C GLU A 66 29.57 2.88 -21.23
N SER A 67 29.11 3.53 -20.18
CA SER A 67 29.84 3.73 -18.97
C SER A 67 29.93 2.46 -18.10
N LEU A 68 29.14 1.42 -18.32
CA LEU A 68 29.26 0.19 -17.48
C LEU A 68 30.71 -0.27 -17.48
N PRO A 69 31.32 -0.31 -16.33
CA PRO A 69 32.71 -0.89 -16.28
C PRO A 69 32.89 -2.28 -16.98
N GLN A 70 34.13 -2.53 -17.39
CA GLN A 70 34.44 -3.63 -18.29
C GLN A 70 34.14 -4.86 -17.48
N GLY A 71 33.40 -5.80 -18.06
CA GLY A 71 33.14 -7.07 -17.40
C GLY A 71 31.82 -7.09 -16.68
N GLU A 72 31.20 -5.92 -16.42
CA GLU A 72 29.88 -5.89 -15.77
C GLU A 72 28.74 -6.09 -16.76
N LYS A 73 27.73 -6.78 -16.30
CA LYS A 73 26.60 -7.02 -17.13
C LYS A 73 25.29 -6.76 -16.42
N VAL A 74 24.24 -6.61 -17.18
CA VAL A 74 22.98 -6.11 -16.64
C VAL A 74 21.91 -6.92 -17.27
N ILE A 75 20.74 -6.98 -16.62
CA ILE A 75 19.53 -7.51 -17.17
C ILE A 75 18.69 -6.36 -17.44
N LEU A 76 18.35 -6.18 -18.69
CA LEU A 76 17.51 -5.04 -19.08
C LEU A 76 16.05 -5.51 -18.89
N VAL A 77 15.22 -4.61 -18.44
CA VAL A 77 13.79 -4.82 -18.24
C VAL A 77 13.12 -3.60 -18.89
N GLY A 78 12.27 -3.87 -19.84
CA GLY A 78 11.56 -2.86 -20.59
C GLY A 78 10.11 -3.15 -20.65
N GLU A 79 9.30 -2.11 -20.31
CA GLU A 79 7.84 -2.22 -20.40
C GLU A 79 7.38 -1.56 -21.69
N SER A 80 6.35 -2.10 -22.30
CA SER A 80 5.77 -1.60 -23.52
C SER A 80 6.80 -1.14 -24.62
N CYS A 81 6.80 0.16 -25.05
CA CYS A 81 7.78 0.66 -26.04
C CYS A 81 9.22 0.55 -25.59
N GLY A 82 9.41 0.36 -24.29
CA GLY A 82 10.76 0.11 -23.65
C GLY A 82 11.54 -1.03 -24.26
N GLY A 83 10.75 -1.92 -24.81
CA GLY A 83 11.26 -3.02 -25.55
C GLY A 83 12.07 -2.67 -26.72
N LEU A 84 11.62 -1.62 -27.44
CA LEU A 84 12.41 -1.13 -28.49
C LEU A 84 13.79 -0.65 -28.07
N ASN A 85 13.82 0.07 -26.96
CA ASN A 85 15.06 0.63 -26.44
C ASN A 85 16.04 -0.43 -26.07
N ILE A 86 15.50 -1.49 -25.43
CA ILE A 86 16.24 -2.65 -25.02
CA ILE A 86 16.22 -2.72 -25.07
C ILE A 86 16.90 -3.26 -26.26
N ALA A 87 16.20 -3.30 -27.40
CA ALA A 87 16.83 -3.91 -28.56
C ALA A 87 17.97 -3.05 -29.15
N LEU A 88 17.77 -1.76 -29.16
CA LEU A 88 18.82 -0.92 -29.55
C LEU A 88 20.08 -1.07 -28.64
N ALA A 89 19.89 -1.11 -27.35
CA ALA A 89 20.96 -1.23 -26.43
C ALA A 89 21.72 -2.57 -26.60
N ALA A 90 20.94 -3.56 -26.92
CA ALA A 90 21.44 -4.93 -27.09
C ALA A 90 22.22 -5.02 -28.38
N ASP A 91 21.83 -4.24 -29.38
CA ASP A 91 22.50 -4.28 -30.61
C ASP A 91 23.90 -3.59 -30.54
N LYS A 92 24.06 -2.64 -29.66
CA LYS A 92 25.35 -2.05 -29.53
C LYS A 92 26.21 -2.72 -28.46
N TYR A 93 25.60 -3.26 -27.41
CA TYR A 93 26.31 -3.75 -26.26
C TYR A 93 25.89 -5.17 -25.82
N PRO A 94 25.89 -6.09 -26.78
CA PRO A 94 25.41 -7.42 -26.49
C PRO A 94 26.29 -8.13 -25.43
N GLU A 95 27.58 -7.84 -25.37
CA GLU A 95 28.48 -8.42 -24.38
C GLU A 95 28.14 -7.91 -22.98
N LYS A 96 27.42 -6.76 -22.84
CA LYS A 96 27.11 -6.23 -21.54
C LYS A 96 25.76 -6.66 -20.99
N ILE A 97 25.09 -7.59 -21.64
CA ILE A 97 23.72 -7.95 -21.31
C ILE A 97 23.55 -9.38 -21.04
N SER A 98 23.07 -9.69 -19.86
CA SER A 98 22.92 -11.10 -19.43
C SER A 98 21.55 -11.60 -19.95
N ALA A 99 20.55 -10.73 -19.98
CA ALA A 99 19.30 -11.04 -20.59
C ALA A 99 18.51 -9.80 -20.73
N ALA A 100 17.45 -9.90 -21.51
CA ALA A 100 16.50 -8.81 -21.59
C ALA A 100 15.11 -9.35 -21.36
N VAL A 101 14.35 -8.64 -20.47
CA VAL A 101 12.99 -9.04 -20.16
C VAL A 101 12.09 -7.98 -20.74
N PHE A 102 11.06 -8.46 -21.42
CA PHE A 102 10.00 -7.72 -22.08
C PHE A 102 8.81 -7.99 -21.18
N HIS A 103 8.20 -6.95 -20.66
CA HIS A 103 6.97 -7.09 -19.83
C HIS A 103 5.88 -6.23 -20.49
N ASN A 104 4.90 -6.93 -21.01
CA ASN A 104 3.86 -6.29 -21.89
C ASN A 104 4.50 -5.33 -22.82
N ALA A 105 5.45 -5.83 -23.56
CA ALA A 105 6.41 -4.97 -24.32
C ALA A 105 6.45 -5.34 -25.72
N LEU A 106 6.75 -4.35 -26.56
CA LEU A 106 7.08 -4.52 -27.94
C LEU A 106 8.41 -5.23 -28.02
N MET A 107 8.44 -6.29 -28.86
CA MET A 107 9.60 -7.22 -28.90
C MET A 107 9.93 -7.32 -30.39
N PRO A 108 10.87 -6.48 -30.85
CA PRO A 108 11.29 -6.50 -32.22
C PRO A 108 12.10 -7.74 -32.54
N ASP A 109 12.38 -7.88 -33.82
CA ASP A 109 13.13 -9.05 -34.37
C ASP A 109 14.34 -8.55 -35.16
N THR A 110 14.96 -9.46 -35.90
CA THR A 110 16.11 -9.11 -36.73
C THR A 110 15.78 -9.27 -38.18
N GLU A 111 14.71 -10.05 -38.41
CA GLU A 111 14.31 -10.36 -39.74
C GLU A 111 13.60 -9.18 -40.46
N HIS A 112 12.81 -8.36 -39.75
CA HIS A 112 12.02 -7.27 -40.34
C HIS A 112 12.60 -5.96 -39.85
N SER A 113 12.02 -4.92 -40.41
CA SER A 113 12.33 -3.54 -40.07
C SER A 113 12.07 -3.34 -38.59
N PRO A 114 12.86 -2.53 -37.90
CA PRO A 114 12.58 -2.28 -36.46
C PRO A 114 11.22 -1.79 -36.16
N SER A 115 10.50 -1.21 -37.15
CA SER A 115 9.14 -0.74 -37.00
C SER A 115 8.09 -1.87 -37.06
N TYR A 116 8.51 -3.02 -37.46
CA TYR A 116 7.60 -4.10 -37.79
C TYR A 116 6.53 -4.32 -36.68
N VAL A 117 6.94 -4.53 -35.44
CA VAL A 117 5.93 -4.81 -34.40
C VAL A 117 5.18 -3.57 -33.98
N VAL A 118 5.81 -2.41 -34.11
CA VAL A 118 5.04 -1.16 -33.96
C VAL A 118 3.90 -1.06 -35.00
N ASP A 119 4.21 -1.26 -36.26
CA ASP A 119 3.21 -1.15 -37.42
C ASP A 119 2.06 -2.15 -37.14
N LYS A 120 2.42 -3.36 -36.72
CA LYS A 120 1.43 -4.38 -36.40
C LYS A 120 0.59 -3.96 -35.19
N PHE A 121 1.20 -3.42 -34.14
CA PHE A 121 0.42 -2.90 -33.03
C PHE A 121 -0.52 -1.79 -33.46
N MET A 122 -0.05 -0.92 -34.33
CA MET A 122 -0.88 0.24 -34.68
C MET A 122 -2.10 -0.21 -35.45
N GLU A 123 -1.96 -1.25 -36.27
CA GLU A 123 -3.14 -1.88 -36.89
C GLU A 123 -4.14 -2.61 -35.97
N VAL A 124 -3.72 -3.27 -34.91
CA VAL A 124 -4.67 -4.03 -34.05
C VAL A 124 -5.23 -3.19 -32.84
N PHE A 125 -4.67 -2.01 -32.57
CA PHE A 125 -5.19 -1.09 -31.52
C PHE A 125 -5.28 0.28 -32.13
N PRO A 126 -6.41 0.56 -32.78
CA PRO A 126 -6.44 1.81 -33.55
C PRO A 126 -7.15 3.00 -32.80
N ASP A 127 -7.89 2.71 -31.67
CA ASP A 127 -8.70 3.67 -30.85
C ASP A 127 -7.95 4.15 -29.61
N TRP A 128 -7.46 5.35 -29.77
CA TRP A 128 -6.71 6.04 -28.76
C TRP A 128 -7.57 6.89 -27.79
N LYS A 129 -8.89 6.86 -27.94
CA LYS A 129 -9.82 7.62 -27.05
C LYS A 129 -9.45 9.11 -27.03
N ASP A 130 -9.08 9.65 -25.88
CA ASP A 130 -8.93 11.05 -25.67
C ASP A 130 -7.47 11.49 -25.83
N THR A 131 -6.62 10.61 -26.37
CA THR A 131 -5.23 10.90 -26.61
C THR A 131 -5.10 12.03 -27.60
N GLU A 132 -4.19 12.95 -27.37
CA GLU A 132 -4.02 14.08 -28.32
C GLU A 132 -2.74 13.93 -29.09
N PHE A 133 -2.83 14.08 -30.39
CA PHE A 133 -1.73 13.85 -31.29
C PHE A 133 -1.26 15.19 -31.80
N SER A 134 0.03 15.32 -32.00
CA SER A 134 0.58 16.56 -32.50
C SER A 134 1.77 16.22 -33.45
N THR A 135 2.39 17.27 -34.05
CA THR A 135 3.56 17.04 -34.83
C THR A 135 4.62 18.04 -34.52
N TYR A 136 5.86 17.71 -34.89
CA TYR A 136 6.90 18.79 -34.89
C TYR A 136 7.88 18.30 -35.92
N THR A 137 8.83 19.13 -36.21
CA THR A 137 9.77 18.78 -37.23
C THR A 137 11.25 18.68 -36.72
N SER A 138 12.05 17.77 -37.34
CA SER A 138 13.53 17.77 -37.35
C SER A 138 13.88 18.44 -38.65
N ASN A 139 15.15 18.52 -39.03
CA ASN A 139 15.45 19.25 -40.21
C ASN A 139 14.64 18.76 -41.48
N ASN A 140 14.50 17.46 -41.58
CA ASN A 140 13.97 16.88 -42.83
C ASN A 140 12.74 15.90 -42.65
N GLU A 141 12.20 15.85 -41.45
CA GLU A 141 11.17 14.90 -41.14
C GLU A 141 10.19 15.54 -40.20
N THR A 142 8.90 15.14 -40.33
CA THR A 142 7.82 15.44 -39.36
C THR A 142 7.63 14.23 -38.46
N ILE A 143 7.56 14.47 -37.16
CA ILE A 143 7.44 13.42 -36.15
C ILE A 143 6.09 13.60 -35.49
N THR A 144 5.37 12.51 -35.30
CA THR A 144 4.18 12.56 -34.52
C THR A 144 4.43 12.45 -32.98
N GLY A 145 3.97 13.41 -32.20
CA GLY A 145 3.85 13.28 -30.77
C GLY A 145 2.47 12.93 -30.23
N MET A 146 2.48 12.33 -29.03
CA MET A 146 1.26 11.99 -28.37
C MET A 146 1.28 12.26 -26.85
N LYS A 147 0.15 12.78 -26.43
CA LYS A 147 -0.13 12.98 -25.01
C LYS A 147 -1.33 12.05 -24.69
N LEU A 148 -1.04 11.00 -23.97
CA LEU A 148 -2.02 10.01 -23.59
C LEU A 148 -3.18 10.55 -22.92
N GLY A 149 -4.35 10.05 -23.33
CA GLY A 149 -5.55 10.62 -22.76
C GLY A 149 -5.84 9.98 -21.41
N PHE A 150 -6.44 10.75 -20.51
CA PHE A 150 -6.78 10.28 -19.20
C PHE A 150 -7.69 9.10 -19.19
N LYS A 151 -8.62 9.07 -20.11
CA LYS A 151 -9.57 7.95 -20.17
C LYS A 151 -8.94 6.72 -20.74
N LEU A 152 -8.10 6.91 -21.75
CA LEU A 152 -7.22 5.77 -22.22
C LEU A 152 -6.37 5.22 -21.08
N MET A 153 -5.78 6.11 -20.33
CA MET A 153 -4.90 5.60 -19.27
C MET A 153 -5.69 4.81 -18.24
N ARG A 154 -6.82 5.35 -17.84
CA ARG A 154 -7.61 4.76 -16.78
C ARG A 154 -8.12 3.38 -17.23
N GLU A 155 -8.66 3.36 -18.42
CA GLU A 155 -9.42 2.17 -18.87
C GLU A 155 -8.48 1.12 -19.47
N ASN A 156 -7.33 1.57 -20.06
CA ASN A 156 -6.60 0.60 -20.87
C ASN A 156 -5.19 0.31 -20.34
N LEU A 157 -4.72 1.20 -19.48
CA LEU A 157 -3.32 1.06 -19.08
C LEU A 157 -3.30 0.62 -17.63
N TYR A 158 -3.97 1.39 -16.77
CA TYR A 158 -3.95 1.25 -15.37
C TYR A 158 -5.25 0.61 -14.83
N THR A 159 -5.87 -0.26 -15.62
CA THR A 159 -7.19 -0.93 -15.38
C THR A 159 -7.35 -1.54 -14.02
N ASN A 160 -6.34 -2.25 -13.54
CA ASN A 160 -6.42 -2.82 -12.19
C ASN A 160 -5.33 -2.40 -11.23
N CYS A 161 -4.86 -1.20 -11.46
CA CYS A 161 -3.92 -0.59 -10.60
C CYS A 161 -4.76 0.17 -9.54
N PRO A 162 -4.28 0.22 -8.34
CA PRO A 162 -5.05 1.07 -7.37
C PRO A 162 -5.04 2.58 -7.81
N ILE A 163 -6.09 3.29 -7.40
CA ILE A 163 -6.33 4.63 -7.93
C ILE A 163 -5.14 5.58 -7.83
N GLU A 164 -4.25 5.40 -6.89
CA GLU A 164 -3.20 6.36 -6.67
C GLU A 164 -2.16 6.30 -7.75
N ASP A 165 -2.00 5.10 -8.33
CA ASP A 165 -1.11 4.94 -9.51
C ASP A 165 -1.58 5.66 -10.71
N TYR A 166 -2.85 5.60 -10.94
CA TYR A 166 -3.48 6.36 -11.98
C TYR A 166 -3.37 7.88 -11.73
N GLU A 167 -3.64 8.30 -10.49
N GLU A 167 -3.65 8.32 -10.51
CA GLU A 167 -3.44 9.67 -10.13
CA GLU A 167 -3.52 9.72 -10.19
C GLU A 167 -2.01 10.11 -10.43
C GLU A 167 -2.04 10.16 -10.34
N LEU A 168 -1.08 9.30 -9.96
CA LEU A 168 0.30 9.60 -10.27
C LEU A 168 0.60 9.74 -11.78
N ALA A 169 -0.04 8.89 -12.57
CA ALA A 169 0.20 8.95 -13.99
C ALA A 169 -0.42 10.27 -14.56
N LYS A 170 -1.56 10.67 -13.99
CA LYS A 170 -2.11 11.95 -14.44
C LYS A 170 -1.19 13.13 -14.18
N MET A 171 -0.38 13.00 -13.13
CA MET A 171 0.46 14.07 -12.63
C MET A 171 1.73 14.10 -13.39
N LEU A 172 2.14 13.00 -14.03
CA LEU A 172 3.50 12.86 -14.49
C LEU A 172 3.72 12.49 -15.97
N THR A 173 2.71 11.98 -16.64
CA THR A 173 2.93 11.59 -18.04
C THR A 173 3.10 12.88 -18.87
N ARG A 174 3.90 12.78 -19.93
CA ARG A 174 4.25 13.85 -20.78
C ARG A 174 4.12 13.37 -22.25
N LYS A 175 4.27 14.36 -23.13
CA LYS A 175 4.23 14.17 -24.55
C LYS A 175 5.40 13.25 -24.92
N GLY A 176 5.11 12.18 -25.67
CA GLY A 176 6.08 11.27 -26.14
C GLY A 176 5.91 11.00 -27.62
N SER A 177 6.79 10.18 -28.13
CA SER A 177 6.67 9.71 -29.51
C SER A 177 7.20 8.27 -29.65
N PHE A 178 6.52 7.53 -30.51
CA PHE A 178 6.96 6.17 -31.01
C PHE A 178 8.12 6.28 -32.02
N PHE A 179 8.30 7.43 -32.67
CA PHE A 179 9.36 7.56 -33.70
C PHE A 179 9.23 6.46 -34.73
N GLN A 180 8.00 6.21 -35.14
CA GLN A 180 7.67 5.18 -36.04
C GLN A 180 8.32 5.26 -37.39
N ASN A 181 8.32 6.46 -38.00
CA ASN A 181 8.93 6.64 -39.26
C ASN A 181 10.43 6.49 -39.19
N ASP A 182 11.06 6.96 -38.13
CA ASP A 182 12.55 6.77 -37.92
C ASP A 182 12.83 5.29 -37.79
N LEU A 183 11.99 4.62 -37.03
CA LEU A 183 12.12 3.16 -36.90
C LEU A 183 12.00 2.44 -38.25
N ALA A 184 11.14 2.95 -39.14
CA ALA A 184 10.88 2.26 -40.44
C ALA A 184 12.05 2.38 -41.40
N GLN A 185 12.87 3.42 -41.23
CA GLN A 185 13.95 3.64 -42.13
C GLN A 185 15.33 3.28 -41.49
N ARG A 186 15.44 2.96 -40.21
CA ARG A 186 16.72 2.49 -39.67
C ARG A 186 17.09 1.05 -40.04
N PRO A 187 18.42 0.72 -39.96
CA PRO A 187 18.95 -0.63 -40.26
C PRO A 187 18.29 -1.58 -39.32
N LYS A 188 18.00 -2.74 -39.85
CA LYS A 188 17.46 -3.77 -39.02
C LYS A 188 18.39 -4.01 -37.85
N PHE A 189 17.83 -4.42 -36.71
CA PHE A 189 18.69 -5.09 -35.68
C PHE A 189 19.39 -6.36 -36.20
N THR A 190 20.63 -6.58 -35.72
CA THR A 190 21.47 -7.60 -36.23
C THR A 190 21.45 -8.86 -35.40
N GLU A 191 21.72 -9.97 -36.08
CA GLU A 191 21.82 -11.26 -35.44
C GLU A 191 22.95 -11.34 -34.41
N GLU A 192 24.09 -10.66 -34.65
CA GLU A 192 25.26 -10.65 -33.76
C GLU A 192 25.03 -9.73 -32.56
N GLY A 193 24.20 -8.70 -32.71
CA GLY A 193 23.91 -7.82 -31.55
C GLY A 193 22.63 -8.33 -30.88
N TYR A 194 21.49 -7.71 -31.21
CA TYR A 194 20.25 -7.98 -30.50
C TYR A 194 19.88 -9.47 -30.61
N GLY A 195 20.18 -10.07 -31.76
CA GLY A 195 19.82 -11.45 -31.96
C GLY A 195 20.61 -12.43 -31.16
N SER A 196 21.70 -12.00 -30.52
CA SER A 196 22.51 -12.93 -29.68
C SER A 196 22.16 -12.92 -28.22
N ILE A 197 21.29 -12.04 -27.78
CA ILE A 197 21.04 -12.00 -26.31
C ILE A 197 19.91 -12.89 -25.89
N LYS A 198 19.86 -13.33 -24.63
CA LYS A 198 18.73 -14.08 -24.18
C LYS A 198 17.54 -13.13 -23.94
N ARG A 199 16.35 -13.61 -24.29
CA ARG A 199 15.10 -12.83 -24.25
C ARG A 199 14.07 -13.54 -23.47
N VAL A 200 13.53 -12.87 -22.39
CA VAL A 200 12.40 -13.38 -21.62
C VAL A 200 11.20 -12.47 -21.86
N TYR A 201 10.00 -13.05 -22.05
CA TYR A 201 8.73 -12.37 -22.40
C TYR A 201 7.68 -12.63 -21.38
N VAL A 202 7.33 -11.56 -20.66
CA VAL A 202 6.41 -11.57 -19.56
C VAL A 202 5.16 -10.89 -20.03
N TRP A 203 3.99 -11.48 -19.86
CA TRP A 203 2.74 -10.82 -20.25
C TRP A 203 1.54 -11.29 -19.50
N THR A 204 0.41 -10.57 -19.57
CA THR A 204 -0.82 -11.06 -19.07
C THR A 204 -1.80 -10.96 -20.19
N ASP A 205 -2.73 -11.87 -20.17
CA ASP A 205 -3.80 -11.81 -21.16
C ASP A 205 -4.90 -10.85 -20.80
N GLU A 206 -4.81 -10.15 -19.69
CA GLU A 206 -5.74 -9.07 -19.43
C GLU A 206 -5.30 -7.73 -19.84
N ASP A 207 -4.17 -7.64 -20.51
CA ASP A 207 -3.71 -6.29 -20.91
C ASP A 207 -4.74 -5.70 -21.88
N LYS A 208 -5.29 -4.56 -21.54
CA LYS A 208 -6.27 -3.92 -22.44
C LYS A 208 -5.66 -3.03 -23.48
N ILE A 209 -4.37 -2.97 -23.62
CA ILE A 209 -3.79 -2.22 -24.68
C ILE A 209 -3.14 -3.19 -25.71
N PHE A 210 -2.35 -4.15 -25.24
CA PHE A 210 -1.72 -5.19 -26.09
C PHE A 210 -2.58 -6.43 -25.87
N PRO A 211 -3.53 -6.68 -26.73
CA PRO A 211 -4.44 -7.80 -26.54
C PRO A 211 -3.73 -9.14 -26.74
N PRO A 212 -4.35 -10.24 -26.35
CA PRO A 212 -3.61 -11.50 -26.35
C PRO A 212 -3.18 -11.93 -27.81
N GLU A 213 -3.95 -11.67 -28.85
N GLU A 213 -4.05 -11.62 -28.78
CA GLU A 213 -3.54 -12.20 -30.17
CA GLU A 213 -3.85 -11.81 -30.25
C GLU A 213 -2.31 -11.42 -30.67
C GLU A 213 -2.45 -11.37 -30.66
N PHE A 214 -2.13 -10.19 -30.21
CA PHE A 214 -0.97 -9.40 -30.59
C PHE A 214 0.21 -9.97 -29.80
N GLN A 215 0.02 -10.19 -28.51
CA GLN A 215 1.16 -10.67 -27.69
C GLN A 215 1.56 -12.10 -28.15
N LEU A 216 0.54 -12.95 -28.39
CA LEU A 216 0.78 -14.25 -28.97
C LEU A 216 1.48 -14.20 -30.33
N TRP A 217 1.00 -13.30 -31.14
CA TRP A 217 1.69 -12.99 -32.40
C TRP A 217 3.19 -12.64 -32.18
N GLN A 218 3.52 -11.73 -31.28
CA GLN A 218 4.99 -11.33 -31.03
C GLN A 218 5.87 -12.53 -30.59
N ILE A 219 5.28 -13.43 -29.78
CA ILE A 219 5.96 -14.59 -29.18
C ILE A 219 6.32 -15.54 -30.31
N GLU A 220 5.36 -15.71 -31.20
CA GLU A 220 5.50 -16.63 -32.35
C GLU A 220 6.48 -16.07 -33.42
N ASN A 221 6.40 -14.79 -33.64
CA ASN A 221 7.20 -14.09 -34.63
C ASN A 221 8.68 -14.21 -34.24
N TYR A 222 9.03 -14.15 -32.96
CA TYR A 222 10.44 -14.13 -32.54
C TYR A 222 10.66 -14.83 -31.18
N LYS A 223 10.57 -16.11 -31.29
CA LYS A 223 10.52 -17.01 -30.15
C LYS A 223 11.57 -16.68 -29.08
N PRO A 224 11.07 -16.37 -27.88
CA PRO A 224 11.97 -16.04 -26.83
C PRO A 224 12.46 -17.31 -26.12
N ASP A 225 13.49 -17.07 -25.30
CA ASP A 225 14.07 -18.19 -24.51
C ASP A 225 13.17 -18.68 -23.44
N LYS A 226 12.34 -17.80 -22.88
CA LYS A 226 11.38 -18.16 -21.81
C LYS A 226 10.18 -17.19 -21.86
N VAL A 227 8.99 -17.73 -21.62
CA VAL A 227 7.79 -16.99 -21.53
C VAL A 227 7.18 -17.19 -20.14
N TYR A 228 6.69 -16.12 -19.57
CA TYR A 228 5.97 -16.17 -18.28
C TYR A 228 4.70 -15.41 -18.50
N ARG A 229 3.59 -16.08 -18.29
CA ARG A 229 2.29 -15.47 -18.37
C ARG A 229 1.84 -15.25 -16.92
N VAL A 230 1.42 -14.04 -16.55
CA VAL A 230 1.01 -13.65 -15.18
C VAL A 230 -0.49 -13.57 -15.25
N GLN A 231 -1.18 -14.18 -14.31
CA GLN A 231 -2.65 -14.11 -14.27
C GLN A 231 -3.15 -12.79 -13.73
N GLY A 232 -4.20 -12.34 -14.31
CA GLY A 232 -4.82 -11.04 -14.00
C GLY A 232 -3.94 -9.83 -14.21
N GLY A 233 -4.09 -8.80 -13.38
CA GLY A 233 -3.28 -7.62 -13.62
C GLY A 233 -3.74 -6.77 -14.78
N ASP A 234 -2.84 -6.03 -15.42
CA ASP A 234 -3.14 -5.18 -16.57
C ASP A 234 -1.82 -4.83 -17.36
N HIS A 235 -1.89 -3.82 -18.15
CA HIS A 235 -0.71 -3.42 -18.84
C HIS A 235 0.50 -2.99 -18.01
N LYS A 236 0.29 -2.41 -16.80
CA LYS A 236 1.33 -2.00 -15.96
C LYS A 236 1.59 -3.04 -14.85
N LEU A 237 2.14 -4.16 -15.23
CA LEU A 237 2.36 -5.24 -14.24
C LEU A 237 3.31 -4.80 -13.12
N GLN A 238 4.21 -3.86 -13.40
CA GLN A 238 5.09 -3.41 -12.32
C GLN A 238 4.38 -2.60 -11.25
N LEU A 239 3.12 -2.35 -11.51
CA LEU A 239 2.22 -1.62 -10.61
C LEU A 239 1.18 -2.49 -10.12
N SER A 240 0.54 -3.21 -10.98
CA SER A 240 -0.55 -4.12 -10.58
C SER A 240 -0.12 -5.50 -10.05
N LYS A 241 1.05 -6.02 -10.45
CA LYS A 241 1.44 -7.30 -9.95
C LYS A 241 2.92 -7.25 -9.59
N THR A 242 3.27 -6.22 -8.88
CA THR A 242 4.71 -5.85 -8.64
C THR A 242 5.43 -7.10 -8.01
N ASN A 243 4.74 -7.78 -7.08
CA ASN A 243 5.42 -8.86 -6.34
C ASN A 243 5.69 -10.02 -7.28
N GLU A 244 4.71 -10.36 -8.08
CA GLU A 244 4.91 -11.45 -9.04
C GLU A 244 5.91 -11.18 -10.06
N LEU A 245 5.92 -9.96 -10.55
CA LEU A 245 6.97 -9.54 -11.45
C LEU A 245 8.35 -9.65 -10.79
N ALA A 246 8.47 -9.21 -9.56
CA ALA A 246 9.72 -9.34 -8.89
C ALA A 246 10.12 -10.80 -8.75
N GLU A 247 9.14 -11.71 -8.49
CA GLU A 247 9.49 -13.10 -8.30
C GLU A 247 10.04 -13.72 -9.65
N ILE A 248 9.48 -13.28 -10.75
CA ILE A 248 9.94 -13.67 -12.13
C ILE A 248 11.34 -13.10 -12.40
N LEU A 249 11.56 -11.86 -12.05
CA LEU A 249 12.86 -11.25 -12.20
C LEU A 249 13.91 -11.92 -11.32
N GLN A 250 13.47 -12.45 -10.18
CA GLN A 250 14.39 -13.17 -9.35
C GLN A 250 14.88 -14.43 -10.09
N GLU A 251 13.96 -15.17 -10.63
CA GLU A 251 14.30 -16.36 -11.36
C GLU A 251 15.14 -16.02 -12.60
N VAL A 252 14.81 -14.96 -13.34
CA VAL A 252 15.68 -14.55 -14.42
C VAL A 252 17.14 -14.23 -13.97
N ALA A 253 17.30 -13.53 -12.87
CA ALA A 253 18.62 -13.32 -12.28
C ALA A 253 19.24 -14.65 -11.87
N ASP A 254 18.46 -15.56 -11.30
CA ASP A 254 19.03 -16.87 -10.84
C ASP A 254 19.58 -17.66 -12.10
N THR A 255 18.93 -17.52 -13.19
CA THR A 255 19.38 -18.14 -14.46
C THR A 255 20.56 -17.39 -15.12
N TYR A 256 20.40 -16.12 -15.35
CA TYR A 256 21.27 -15.44 -16.32
C TYR A 256 22.32 -14.57 -15.73
N ALA A 257 22.19 -14.19 -14.47
CA ALA A 257 23.19 -13.31 -13.93
C ALA A 257 24.48 -14.11 -13.78
N ASP A 258 25.55 -13.34 -13.88
CA ASP A 258 26.89 -13.89 -13.71
C ASP A 258 27.05 -14.31 -12.29
N LEU A 259 27.71 -15.41 -12.11
CA LEU A 259 28.07 -15.88 -10.83
C LEU A 259 29.34 -15.15 -10.36
N LEU A 260 29.46 -14.82 -9.08
CA LEU A 260 30.73 -14.25 -8.57
C LEU A 260 31.69 -15.39 -8.03
N ALA A 261 33.01 -15.17 -8.19
CA ALA A 261 34.03 -16.05 -7.72
C ALA A 261 34.01 -16.18 -6.17
N ALA B 2 -20.08 18.36 4.43
CA ALA B 2 -19.91 19.54 3.50
C ALA B 2 -18.67 19.33 2.62
N THR B 3 -18.77 19.66 1.33
CA THR B 3 -17.62 19.46 0.49
C THR B 3 -16.98 20.80 0.24
N ALA B 4 -15.80 20.78 -0.34
CA ALA B 4 -14.98 21.85 -0.56
C ALA B 4 -14.21 21.64 -1.82
N HIS B 5 -13.54 22.71 -2.23
CA HIS B 5 -12.56 22.66 -3.30
C HIS B 5 -11.17 22.91 -2.70
N PHE B 6 -10.35 21.87 -2.62
CA PHE B 6 -9.10 21.96 -2.03
C PHE B 6 -8.09 22.24 -3.15
N VAL B 7 -7.17 23.15 -2.89
CA VAL B 7 -6.13 23.41 -3.77
C VAL B 7 -4.81 23.04 -3.03
N LEU B 8 -4.10 22.07 -3.56
CA LEU B 8 -2.98 21.45 -2.83
C LEU B 8 -1.68 21.96 -3.42
N ILE B 9 -0.78 22.42 -2.58
N ILE B 9 -0.79 22.45 -2.59
CA ILE B 9 0.41 23.21 -2.99
CA ILE B 9 0.42 23.16 -3.05
C ILE B 9 1.64 22.57 -2.38
C ILE B 9 1.67 22.62 -2.40
N HIS B 10 2.51 22.01 -3.23
CA HIS B 10 3.71 21.38 -2.87
C HIS B 10 4.84 22.34 -2.50
N THR B 11 5.82 21.76 -1.86
CA THR B 11 7.03 22.46 -1.48
C THR B 11 8.10 22.53 -2.55
N ILE B 12 9.09 23.34 -2.27
CA ILE B 12 10.20 23.48 -3.18
C ILE B 12 10.95 22.15 -3.44
N CYS B 13 11.33 21.89 -4.68
CA CYS B 13 12.04 20.70 -5.01
C CYS B 13 11.09 19.49 -5.27
N HIS B 14 9.80 19.69 -5.11
CA HIS B 14 8.78 18.67 -5.23
C HIS B 14 7.83 19.14 -6.33
N GLY B 15 6.72 18.51 -6.44
CA GLY B 15 5.70 18.86 -7.44
C GLY B 15 4.39 18.25 -7.05
N ALA B 16 3.39 18.35 -7.89
CA ALA B 16 2.01 17.92 -7.65
C ALA B 16 1.92 16.49 -7.27
N TRP B 17 2.82 15.70 -7.82
CA TRP B 17 2.97 14.28 -7.51
C TRP B 17 2.90 13.91 -6.06
N ILE B 18 3.42 14.79 -5.19
CA ILE B 18 3.38 14.51 -3.78
C ILE B 18 2.04 14.24 -3.18
N TRP B 19 0.99 14.63 -3.91
CA TRP B 19 -0.35 14.60 -3.42
C TRP B 19 -1.02 13.40 -4.02
N TYR B 20 -0.28 12.56 -4.76
CA TYR B 20 -0.90 11.42 -5.45
C TYR B 20 -1.78 10.44 -4.59
N LYS B 21 -1.59 10.34 -3.29
CA LYS B 21 -2.42 9.48 -2.42
C LYS B 21 -3.50 10.32 -1.74
N LEU B 22 -3.20 11.60 -1.42
CA LEU B 22 -4.15 12.38 -0.70
C LEU B 22 -5.32 12.80 -1.65
N LYS B 23 -5.03 13.14 -2.92
CA LYS B 23 -6.04 13.69 -3.85
C LYS B 23 -7.23 12.71 -3.98
N PRO B 24 -6.94 11.44 -4.28
CA PRO B 24 -8.05 10.47 -4.49
C PRO B 24 -8.82 10.12 -3.25
N LEU B 25 -8.14 10.14 -2.13
CA LEU B 25 -8.77 9.98 -0.85
C LEU B 25 -9.79 11.12 -0.56
N LEU B 26 -9.38 12.37 -0.75
CA LEU B 26 -10.32 13.49 -0.61
C LEU B 26 -11.47 13.40 -1.60
N GLU B 27 -11.16 12.98 -2.82
CA GLU B 27 -12.19 12.90 -3.84
C GLU B 27 -13.24 11.90 -3.52
N ALA B 28 -12.88 10.79 -2.82
CA ALA B 28 -13.83 9.81 -2.44
C ALA B 28 -14.90 10.37 -1.52
N ALA B 29 -14.54 11.34 -0.71
CA ALA B 29 -15.53 12.01 0.12
C ALA B 29 -16.40 13.04 -0.64
N GLY B 30 -16.16 13.24 -1.93
CA GLY B 30 -16.95 14.23 -2.77
C GLY B 30 -16.27 15.58 -3.00
N HIS B 31 -15.12 15.78 -2.43
CA HIS B 31 -14.44 17.03 -2.62
C HIS B 31 -13.89 17.17 -4.02
N LYS B 32 -13.77 18.42 -4.54
CA LYS B 32 -12.97 18.67 -5.74
C LYS B 32 -11.54 18.95 -5.27
N VAL B 33 -10.53 18.53 -6.04
CA VAL B 33 -9.11 18.75 -5.66
C VAL B 33 -8.39 19.23 -6.84
N THR B 34 -7.62 20.28 -6.62
CA THR B 34 -6.69 20.68 -7.58
C THR B 34 -5.30 20.52 -7.06
N ALA B 35 -4.40 19.93 -7.83
CA ALA B 35 -3.03 19.89 -7.39
C ALA B 35 -2.13 20.41 -8.48
N LEU B 36 -1.42 21.51 -8.26
CA LEU B 36 -0.64 22.18 -9.35
C LEU B 36 0.85 21.92 -9.19
N ASP B 37 1.56 22.00 -10.32
CA ASP B 37 2.98 22.16 -10.35
C ASP B 37 3.28 23.63 -10.34
N LEU B 38 4.00 24.08 -9.35
CA LEU B 38 4.62 25.46 -9.43
C LEU B 38 5.64 25.56 -10.51
N ALA B 39 6.14 26.81 -10.75
CA ALA B 39 7.15 27.01 -11.77
C ALA B 39 8.36 26.16 -11.51
N ALA B 40 8.89 25.55 -12.60
CA ALA B 40 10.03 24.78 -12.53
C ALA B 40 9.97 23.63 -11.60
N SER B 41 8.78 23.09 -11.37
CA SER B 41 8.59 21.99 -10.48
C SER B 41 7.80 20.89 -11.11
N GLY B 42 8.01 19.63 -10.64
CA GLY B 42 7.32 18.48 -11.15
C GLY B 42 7.64 18.33 -12.63
N ILE B 43 6.64 18.23 -13.43
CA ILE B 43 6.88 18.18 -14.86
C ILE B 43 6.72 19.57 -15.60
N ASP B 44 6.69 20.67 -14.87
CA ASP B 44 6.79 21.97 -15.55
C ASP B 44 8.04 22.04 -16.34
N PRO B 45 7.96 22.58 -17.51
CA PRO B 45 9.12 22.48 -18.43
C PRO B 45 10.24 23.49 -18.12
N ARG B 46 10.05 24.40 -17.20
CA ARG B 46 11.09 25.41 -16.94
C ARG B 46 12.05 24.79 -15.92
N GLN B 47 13.28 25.25 -15.94
CA GLN B 47 14.28 24.90 -14.95
C GLN B 47 14.26 26.07 -13.92
N ILE B 48 14.65 25.79 -12.70
CA ILE B 48 14.59 26.80 -11.59
C ILE B 48 15.53 28.01 -11.91
N GLU B 49 16.57 27.78 -12.68
CA GLU B 49 17.52 28.87 -13.03
C GLU B 49 16.96 29.95 -13.99
N GLN B 50 15.81 29.67 -14.60
CA GLN B 50 15.01 30.56 -15.41
C GLN B 50 14.01 31.35 -14.57
N ILE B 51 13.90 31.12 -13.27
CA ILE B 51 12.89 31.77 -12.41
C ILE B 51 13.66 32.74 -11.47
N ASN B 52 13.23 34.00 -11.38
CA ASN B 52 13.98 35.08 -10.72
C ASN B 52 13.38 35.42 -9.41
N THR B 53 12.12 35.13 -9.15
CA THR B 53 11.48 35.69 -7.92
C THR B 53 10.51 34.66 -7.36
N PHE B 54 10.14 34.89 -6.12
CA PHE B 54 9.10 34.13 -5.44
C PHE B 54 7.75 34.24 -6.20
N ASP B 55 7.49 35.40 -6.67
CA ASP B 55 6.29 35.65 -7.44
C ASP B 55 6.20 34.80 -8.68
N GLU B 56 7.29 34.77 -9.43
CA GLU B 56 7.35 34.02 -10.67
C GLU B 56 7.15 32.54 -10.33
N TYR B 57 7.84 32.13 -9.28
CA TYR B 57 7.65 30.74 -8.79
C TYR B 57 6.21 30.32 -8.47
N SER B 58 5.50 31.24 -7.85
CA SER B 58 4.16 31.08 -7.43
C SER B 58 3.12 31.26 -8.54
N GLU B 59 3.57 31.68 -9.70
CA GLU B 59 2.66 32.14 -10.75
C GLU B 59 1.54 31.11 -11.09
N PRO B 60 1.83 29.81 -11.12
CA PRO B 60 0.70 28.92 -11.51
C PRO B 60 -0.41 28.87 -10.46
N LEU B 61 -0.10 29.08 -9.17
CA LEU B 61 -1.13 29.18 -8.14
C LEU B 61 -1.88 30.52 -8.32
N LEU B 62 -1.17 31.63 -8.44
CA LEU B 62 -1.88 32.92 -8.64
C LEU B 62 -2.77 32.96 -9.88
N THR B 63 -2.30 32.47 -11.02
CA THR B 63 -3.10 32.18 -12.19
C THR B 63 -4.38 31.35 -12.02
N PHE B 64 -4.27 30.26 -11.28
CA PHE B 64 -5.40 29.44 -11.01
C PHE B 64 -6.35 30.23 -10.13
N MET B 65 -5.88 30.98 -9.11
CA MET B 65 -6.80 31.75 -8.23
C MET B 65 -7.60 32.87 -9.04
N GLU B 66 -6.87 33.52 -9.94
CA GLU B 66 -7.43 34.52 -10.82
C GLU B 66 -8.56 33.93 -11.64
N SER B 67 -8.36 32.73 -12.15
CA SER B 67 -9.29 31.96 -12.99
CA SER B 67 -9.34 32.12 -13.02
C SER B 67 -10.52 31.49 -12.25
N LEU B 68 -10.49 31.48 -10.93
CA LEU B 68 -11.67 30.99 -10.20
C LEU B 68 -12.93 31.80 -10.40
N PRO B 69 -14.00 31.15 -10.92
CA PRO B 69 -15.27 31.85 -11.21
C PRO B 69 -15.77 32.61 -9.98
N GLN B 70 -16.42 33.72 -10.22
CA GLN B 70 -16.79 34.62 -9.14
C GLN B 70 -17.73 33.87 -8.15
N GLY B 71 -17.69 34.20 -6.87
CA GLY B 71 -18.48 33.47 -5.84
C GLY B 71 -17.81 32.19 -5.27
N GLU B 72 -16.96 31.51 -6.06
CA GLU B 72 -16.34 30.23 -5.65
C GLU B 72 -15.22 30.43 -4.61
N LYS B 73 -15.08 29.51 -3.68
CA LYS B 73 -14.02 29.58 -2.71
C LYS B 73 -13.28 28.28 -2.67
N VAL B 74 -12.07 28.35 -2.13
CA VAL B 74 -11.16 27.19 -2.06
C VAL B 74 -10.57 27.14 -0.66
N ILE B 75 -10.12 25.94 -0.27
CA ILE B 75 -9.31 25.77 0.94
C ILE B 75 -7.96 25.42 0.41
N LEU B 76 -6.99 26.28 0.71
CA LEU B 76 -5.65 26.12 0.25
C LEU B 76 -4.94 25.20 1.21
N VAL B 77 -4.11 24.29 0.72
CA VAL B 77 -3.35 23.39 1.62
C VAL B 77 -1.93 23.40 1.16
N GLY B 78 -1.00 23.74 2.03
CA GLY B 78 0.36 23.88 1.59
C GLY B 78 1.29 23.13 2.47
N GLU B 79 2.15 22.31 1.87
CA GLU B 79 3.14 21.56 2.71
C GLU B 79 4.48 22.35 2.74
N SER B 80 5.20 22.33 3.87
CA SER B 80 6.54 22.91 4.01
C SER B 80 6.67 24.37 3.42
N CYS B 81 7.47 24.60 2.41
CA CYS B 81 7.57 25.97 1.78
C CYS B 81 6.36 26.37 0.99
N GLY B 82 5.43 25.43 0.78
CA GLY B 82 4.13 25.81 0.20
C GLY B 82 3.29 26.79 1.00
N GLY B 83 3.56 26.83 2.28
CA GLY B 83 2.94 27.80 3.16
C GLY B 83 3.31 29.21 2.74
N LEU B 84 4.51 29.44 2.21
CA LEU B 84 4.82 30.80 1.67
C LEU B 84 4.01 31.09 0.44
N ASN B 85 3.75 30.09 -0.44
CA ASN B 85 2.84 30.37 -1.61
C ASN B 85 1.42 30.66 -1.20
N ILE B 86 0.95 30.00 -0.17
CA ILE B 86 -0.38 30.18 0.35
C ILE B 86 -0.55 31.58 0.81
N ALA B 87 0.44 32.10 1.50
CA ALA B 87 0.36 33.49 2.02
C ALA B 87 0.30 34.50 0.90
N LEU B 88 1.08 34.27 -0.16
CA LEU B 88 1.08 35.16 -1.33
C LEU B 88 -0.30 35.13 -2.03
N ALA B 89 -0.83 33.94 -2.22
CA ALA B 89 -2.20 33.81 -2.76
C ALA B 89 -3.28 34.48 -1.96
N ALA B 90 -3.23 34.24 -0.67
CA ALA B 90 -4.15 34.88 0.32
C ALA B 90 -4.05 36.40 0.35
N ASP B 91 -2.89 36.91 0.15
CA ASP B 91 -2.77 38.29 0.10
C ASP B 91 -3.36 38.88 -1.15
N LYS B 92 -3.43 38.15 -2.27
CA LYS B 92 -4.00 38.70 -3.48
C LYS B 92 -5.45 38.39 -3.65
N TYR B 93 -5.92 37.26 -3.14
CA TYR B 93 -7.31 36.79 -3.31
C TYR B 93 -7.93 36.31 -1.99
N PRO B 94 -7.86 37.11 -0.93
CA PRO B 94 -8.44 36.68 0.32
C PRO B 94 -9.89 36.26 0.23
N GLU B 95 -10.66 36.93 -0.60
CA GLU B 95 -12.07 36.69 -0.68
C GLU B 95 -12.45 35.38 -1.40
N LYS B 96 -11.46 34.75 -2.02
CA LYS B 96 -11.62 33.46 -2.64
C LYS B 96 -11.18 32.27 -1.73
N ILE B 97 -10.73 32.55 -0.51
CA ILE B 97 -10.18 31.58 0.38
C ILE B 97 -11.00 31.33 1.60
N SER B 98 -11.56 30.14 1.75
N SER B 98 -11.58 30.14 1.70
CA SER B 98 -12.41 29.90 2.90
CA SER B 98 -12.39 29.74 2.85
C SER B 98 -11.47 29.55 4.10
C SER B 98 -11.46 29.55 4.08
N ALA B 99 -10.29 28.99 3.83
CA ALA B 99 -9.24 28.76 4.88
C ALA B 99 -7.99 28.36 4.22
N ALA B 100 -6.88 28.43 4.95
CA ALA B 100 -5.59 28.03 4.47
C ALA B 100 -5.06 27.03 5.47
N VAL B 101 -4.67 25.86 5.01
CA VAL B 101 -4.14 24.84 5.90
C VAL B 101 -2.63 24.67 5.66
N PHE B 102 -1.87 24.86 6.72
CA PHE B 102 -0.44 24.75 6.78
C PHE B 102 -0.12 23.32 7.30
N HIS B 103 0.49 22.49 6.49
CA HIS B 103 0.84 21.08 6.79
C HIS B 103 2.39 21.00 6.95
N ASN B 104 2.85 20.84 8.17
CA ASN B 104 4.25 21.02 8.58
C ASN B 104 4.90 22.07 7.69
N ALA B 105 4.32 23.23 7.70
CA ALA B 105 4.62 24.26 6.70
C ALA B 105 5.14 25.53 7.27
N LEU B 106 5.85 26.25 6.45
CA LEU B 106 6.26 27.61 6.85
C LEU B 106 5.03 28.49 6.89
N MET B 107 4.84 29.25 7.96
CA MET B 107 3.62 30.10 8.12
C MET B 107 4.13 31.54 8.45
N PRO B 108 4.26 32.40 7.41
CA PRO B 108 4.71 33.74 7.56
C PRO B 108 3.67 34.57 8.34
N ASP B 109 4.04 35.80 8.61
CA ASP B 109 3.14 36.66 9.38
C ASP B 109 3.00 37.96 8.64
N THR B 110 2.47 38.97 9.33
CA THR B 110 2.31 40.28 8.69
C THR B 110 3.19 41.36 9.30
N GLU B 111 3.72 41.12 10.48
CA GLU B 111 4.52 42.11 11.19
C GLU B 111 5.98 42.14 10.73
N HIS B 112 6.53 40.99 10.33
CA HIS B 112 7.93 40.85 9.88
C HIS B 112 8.01 40.65 8.41
N SER B 113 9.19 40.80 7.94
CA SER B 113 9.51 40.58 6.54
C SER B 113 8.97 39.15 6.11
N PRO B 114 8.54 38.98 4.86
CA PRO B 114 8.17 37.67 4.37
C PRO B 114 9.23 36.62 4.51
N SER B 115 10.51 37.01 4.61
CA SER B 115 11.57 35.99 4.86
C SER B 115 11.69 35.48 6.27
N TYR B 116 11.03 36.10 7.24
CA TYR B 116 11.33 35.89 8.65
C TYR B 116 11.31 34.42 9.10
N VAL B 117 10.30 33.66 8.74
CA VAL B 117 10.28 32.31 9.18
C VAL B 117 11.31 31.48 8.34
N VAL B 118 11.71 31.95 7.15
CA VAL B 118 12.69 31.18 6.32
C VAL B 118 14.02 31.40 7.06
N ASP B 119 14.28 32.67 7.46
CA ASP B 119 15.58 33.05 8.16
C ASP B 119 15.73 32.21 9.41
N LYS B 120 14.63 32.08 10.13
CA LYS B 120 14.63 31.36 11.41
C LYS B 120 14.86 29.89 11.14
N PHE B 121 14.08 29.36 10.22
CA PHE B 121 14.22 27.99 9.83
C PHE B 121 15.69 27.68 9.49
N MET B 122 16.31 28.56 8.71
CA MET B 122 17.67 28.29 8.28
C MET B 122 18.63 28.30 9.52
N GLU B 123 18.29 28.97 10.64
CA GLU B 123 19.15 28.89 11.87
C GLU B 123 18.85 27.66 12.70
N VAL B 124 17.58 27.26 12.74
CA VAL B 124 17.19 26.09 13.43
C VAL B 124 17.68 24.77 12.78
N PHE B 125 17.78 24.74 11.47
CA PHE B 125 18.17 23.54 10.80
C PHE B 125 19.34 23.93 9.89
N PRO B 126 20.55 23.97 10.45
CA PRO B 126 21.66 24.50 9.65
C PRO B 126 22.42 23.39 8.87
N ASP B 127 22.29 22.10 9.25
CA ASP B 127 22.96 20.89 8.59
C ASP B 127 22.08 20.17 7.51
N TRP B 128 22.37 20.36 6.23
CA TRP B 128 21.59 19.75 5.20
C TRP B 128 22.17 18.49 4.59
N LYS B 129 23.14 17.91 5.27
CA LYS B 129 23.75 16.68 4.86
C LYS B 129 24.28 16.66 3.45
N ASP B 130 23.83 15.73 2.59
CA ASP B 130 24.33 15.60 1.26
C ASP B 130 23.61 16.55 0.22
N THR B 131 22.86 17.53 0.66
CA THR B 131 22.13 18.49 -0.23
C THR B 131 23.16 19.29 -0.95
N GLU B 132 22.96 19.51 -2.21
CA GLU B 132 23.84 20.34 -3.04
C GLU B 132 23.31 21.72 -3.25
N PHE B 133 24.15 22.69 -3.00
CA PHE B 133 23.75 24.09 -3.06
C PHE B 133 24.52 24.71 -4.16
N SER B 134 23.92 25.66 -4.84
CA SER B 134 24.50 26.29 -6.02
C SER B 134 23.94 27.64 -6.04
N THR B 135 24.55 28.53 -6.76
CA THR B 135 23.94 29.81 -7.03
C THR B 135 23.68 29.95 -8.53
N TYR B 136 22.78 30.84 -8.89
CA TYR B 136 22.76 31.33 -10.23
C TYR B 136 22.49 32.88 -10.23
N THR B 137 22.58 33.45 -11.45
CA THR B 137 22.53 34.91 -11.71
C THR B 137 21.18 35.21 -12.34
N SER B 138 20.48 36.19 -11.78
CA SER B 138 19.56 36.82 -12.67
C SER B 138 19.50 38.32 -12.44
N ASN B 139 19.46 39.06 -13.55
CA ASN B 139 19.25 40.50 -13.43
C ASN B 139 20.49 41.01 -12.60
N ASN B 140 20.19 41.61 -11.44
CA ASN B 140 21.15 42.14 -10.50
C ASN B 140 21.12 41.38 -9.11
N GLU B 141 20.52 40.16 -9.05
CA GLU B 141 20.38 39.41 -7.78
C GLU B 141 21.15 38.10 -7.90
N THR B 142 21.57 37.60 -6.76
CA THR B 142 22.21 36.26 -6.75
C THR B 142 21.23 35.45 -6.05
N ILE B 143 21.04 34.26 -6.62
CA ILE B 143 20.00 33.39 -6.12
C ILE B 143 20.62 32.06 -5.79
N THR B 144 20.19 31.47 -4.66
CA THR B 144 20.61 30.13 -4.26
C THR B 144 19.63 29.03 -4.68
N GLY B 145 20.13 28.01 -5.42
CA GLY B 145 19.43 26.79 -5.79
C GLY B 145 19.80 25.63 -4.85
N MET B 146 18.89 24.71 -4.64
CA MET B 146 19.27 23.53 -3.87
C MET B 146 18.69 22.24 -4.44
N LYS B 147 19.51 21.16 -4.38
CA LYS B 147 19.05 19.86 -4.80
C LYS B 147 19.16 18.97 -3.56
N LEU B 148 18.04 18.61 -3.03
CA LEU B 148 17.96 17.88 -1.77
C LEU B 148 18.74 16.61 -1.81
N GLY B 149 19.54 16.31 -0.76
CA GLY B 149 20.34 15.12 -0.78
C GLY B 149 19.44 13.90 -0.55
N PHE B 150 19.84 12.76 -1.12
CA PHE B 150 19.08 11.51 -0.88
C PHE B 150 19.04 11.09 0.61
N LYS B 151 20.15 11.30 1.26
CA LYS B 151 20.28 10.93 2.63
C LYS B 151 19.43 11.91 3.47
N LEU B 152 19.49 13.20 3.19
CA LEU B 152 18.66 14.14 3.89
C LEU B 152 17.21 13.77 3.67
N MET B 153 16.83 13.40 2.46
CA MET B 153 15.45 13.02 2.25
C MET B 153 15.05 11.80 3.01
N ARG B 154 15.89 10.77 3.03
CA ARG B 154 15.47 9.53 3.71
C ARG B 154 15.46 9.70 5.23
N GLU B 155 16.38 10.48 5.78
CA GLU B 155 16.55 10.56 7.25
C GLU B 155 15.70 11.61 7.86
N ASN B 156 15.33 12.64 7.09
CA ASN B 156 14.71 13.85 7.70
C ASN B 156 13.33 14.16 7.11
N LEU B 157 13.07 13.75 5.86
CA LEU B 157 11.76 14.08 5.24
C LEU B 157 10.82 12.89 5.16
N TYR B 158 11.27 11.77 4.66
CA TYR B 158 10.44 10.61 4.35
C TYR B 158 10.60 9.47 5.34
N THR B 159 10.98 9.81 6.57
CA THR B 159 11.50 8.87 7.56
C THR B 159 10.46 7.75 7.91
N ASN B 160 9.15 8.03 7.91
CA ASN B 160 8.11 7.06 8.21
C ASN B 160 7.11 6.87 7.08
N CYS B 161 7.59 7.13 5.87
CA CYS B 161 6.83 7.04 4.63
C CYS B 161 7.09 5.59 4.15
N PRO B 162 6.10 4.94 3.53
CA PRO B 162 6.31 3.64 2.76
C PRO B 162 7.61 3.84 1.86
N ILE B 163 8.48 2.80 1.71
CA ILE B 163 9.78 2.93 0.96
C ILE B 163 9.45 3.42 -0.49
N GLU B 164 8.30 3.14 -1.03
CA GLU B 164 8.09 3.49 -2.40
C GLU B 164 7.95 5.01 -2.63
N ASP B 165 7.51 5.74 -1.58
CA ASP B 165 7.40 7.15 -1.63
C ASP B 165 8.78 7.78 -1.57
N TYR B 166 9.70 7.24 -0.77
CA TYR B 166 11.07 7.72 -0.81
C TYR B 166 11.63 7.48 -2.25
N GLU B 167 11.34 6.30 -2.75
CA GLU B 167 11.84 5.94 -4.12
C GLU B 167 11.31 6.99 -5.17
N LEU B 168 10.01 7.31 -5.12
CA LEU B 168 9.50 8.38 -5.97
C LEU B 168 10.21 9.64 -5.86
N ALA B 169 10.46 10.08 -4.62
CA ALA B 169 11.21 11.27 -4.39
C ALA B 169 12.54 11.30 -5.03
N LYS B 170 13.30 10.24 -4.88
CA LYS B 170 14.56 10.17 -5.59
C LYS B 170 14.36 10.28 -7.11
N MET B 171 13.26 9.75 -7.66
CA MET B 171 13.08 9.72 -9.10
C MET B 171 12.57 11.11 -9.61
N LEU B 172 12.03 11.96 -8.71
CA LEU B 172 11.30 13.14 -9.14
C LEU B 172 11.71 14.50 -8.57
N THR B 173 12.39 14.52 -7.45
CA THR B 173 12.80 15.75 -6.89
C THR B 173 13.80 16.47 -7.80
N ARG B 174 13.68 17.75 -7.81
CA ARG B 174 14.46 18.60 -8.73
C ARG B 174 15.10 19.76 -7.96
N LYS B 175 15.99 20.42 -8.66
CA LYS B 175 16.54 21.63 -8.16
C LYS B 175 15.48 22.70 -7.90
N GLY B 176 15.51 23.31 -6.69
CA GLY B 176 14.53 24.36 -6.35
C GLY B 176 15.18 25.53 -5.60
N SER B 177 14.39 26.49 -5.16
CA SER B 177 14.87 27.61 -4.36
C SER B 177 13.82 28.13 -3.40
N PHE B 178 14.24 28.54 -2.20
CA PHE B 178 13.43 29.32 -1.26
C PHE B 178 13.27 30.79 -1.78
N PHE B 179 14.14 31.28 -2.65
CA PHE B 179 14.19 32.72 -3.03
C PHE B 179 14.24 33.59 -1.78
N GLN B 180 15.05 33.18 -0.83
CA GLN B 180 15.23 33.95 0.41
C GLN B 180 15.54 35.39 0.17
N ASN B 181 16.39 35.74 -0.75
CA ASN B 181 16.77 37.17 -0.94
C ASN B 181 15.62 38.02 -1.45
N ASP B 182 14.82 37.41 -2.25
CA ASP B 182 13.68 38.08 -2.88
C ASP B 182 12.61 38.22 -1.78
N LEU B 183 12.41 37.19 -0.96
CA LEU B 183 11.49 37.35 0.15
C LEU B 183 11.94 38.42 1.14
N ALA B 184 13.25 38.53 1.46
CA ALA B 184 13.76 39.55 2.38
C ALA B 184 13.52 40.98 1.93
N GLN B 185 13.46 41.23 0.62
CA GLN B 185 13.25 42.59 0.10
C GLN B 185 11.78 42.74 -0.30
N ARG B 186 10.91 41.76 -0.15
CA ARG B 186 9.55 42.05 -0.57
C ARG B 186 8.78 42.91 0.42
N PRO B 187 7.65 43.54 -0.03
CA PRO B 187 6.79 44.18 0.95
C PRO B 187 6.11 43.07 1.88
N LYS B 188 5.81 43.42 3.12
CA LYS B 188 5.28 42.48 4.09
C LYS B 188 3.89 42.09 3.58
N PHE B 189 3.47 40.91 3.91
CA PHE B 189 2.14 40.56 3.71
C PHE B 189 1.21 41.46 4.48
N THR B 190 -0.01 41.65 3.95
CA THR B 190 -0.88 42.70 4.49
C THR B 190 -1.83 42.13 5.54
N GLU B 191 -2.11 42.89 6.61
CA GLU B 191 -3.19 42.50 7.52
C GLU B 191 -4.55 42.38 6.90
N GLU B 192 -4.85 43.23 5.93
CA GLU B 192 -6.18 43.17 5.24
C GLU B 192 -6.40 41.98 4.33
N GLY B 193 -5.35 41.49 3.68
CA GLY B 193 -5.32 40.33 2.71
C GLY B 193 -4.99 39.04 3.51
N TYR B 194 -3.71 38.66 3.53
CA TYR B 194 -3.30 37.46 4.25
C TYR B 194 -3.74 37.44 5.72
N GLY B 195 -3.56 38.55 6.40
CA GLY B 195 -3.99 38.65 7.79
C GLY B 195 -5.45 38.43 8.04
N SER B 196 -6.33 38.52 7.03
CA SER B 196 -7.77 38.32 7.21
C SER B 196 -8.17 36.87 7.07
N ILE B 197 -7.37 35.96 6.53
CA ILE B 197 -7.91 34.61 6.30
C ILE B 197 -7.73 33.74 7.50
N LYS B 198 -8.56 32.71 7.59
CA LYS B 198 -8.45 31.68 8.60
C LYS B 198 -7.34 30.72 8.32
N ARG B 199 -6.49 30.47 9.31
CA ARG B 199 -5.31 29.69 9.11
C ARG B 199 -5.38 28.51 10.06
N VAL B 200 -5.25 27.31 9.51
CA VAL B 200 -5.21 26.07 10.24
C VAL B 200 -3.86 25.47 10.24
N TYR B 201 -3.35 25.12 11.38
CA TYR B 201 -1.97 24.67 11.39
C TYR B 201 -1.97 23.14 11.83
N VAL B 202 -1.46 22.28 10.95
CA VAL B 202 -1.39 20.82 11.13
C VAL B 202 0.06 20.45 11.19
N TRP B 203 0.40 19.64 12.17
CA TRP B 203 1.82 19.34 12.41
C TRP B 203 1.95 18.11 13.21
N THR B 204 3.18 17.58 13.25
CA THR B 204 3.58 16.53 14.09
C THR B 204 4.90 16.88 14.76
N ASP B 205 5.01 16.52 16.04
CA ASP B 205 6.22 16.69 16.76
C ASP B 205 7.24 15.68 16.48
N GLU B 206 7.01 14.83 15.52
CA GLU B 206 8.04 13.90 15.03
C GLU B 206 8.65 14.29 13.74
N ASP B 207 8.32 15.47 13.20
CA ASP B 207 8.86 15.99 12.00
C ASP B 207 10.40 16.15 12.29
N LYS B 208 11.24 15.66 11.39
CA LYS B 208 12.74 15.66 11.62
C LYS B 208 13.44 16.74 10.86
N ILE B 209 12.67 17.60 10.19
CA ILE B 209 13.29 18.73 9.56
C ILE B 209 12.75 20.01 10.18
N PHE B 210 11.43 20.10 10.46
CA PHE B 210 10.83 21.23 11.32
C PHE B 210 10.63 20.68 12.66
N PRO B 211 11.62 20.71 13.50
CA PRO B 211 11.44 20.24 14.75
C PRO B 211 10.44 20.98 15.68
N PRO B 212 10.05 20.33 16.76
CA PRO B 212 8.92 20.87 17.54
C PRO B 212 9.16 22.19 18.08
N GLU B 213 10.34 22.51 18.53
CA GLU B 213 10.54 23.88 19.03
C GLU B 213 10.44 24.96 17.91
N PHE B 214 10.74 24.66 16.65
CA PHE B 214 10.53 25.56 15.57
C PHE B 214 9.06 25.68 15.23
N GLN B 215 8.31 24.58 15.25
CA GLN B 215 6.83 24.66 14.98
C GLN B 215 6.07 25.41 16.07
N LEU B 216 6.42 25.19 17.29
CA LEU B 216 5.86 25.94 18.42
C LEU B 216 6.23 27.41 18.31
N TRP B 217 7.45 27.70 17.83
CA TRP B 217 7.83 29.09 17.65
C TRP B 217 6.93 29.74 16.59
N GLN B 218 6.64 29.05 15.53
CA GLN B 218 5.76 29.57 14.50
C GLN B 218 4.35 29.78 14.99
N ILE B 219 3.84 28.87 15.78
CA ILE B 219 2.47 28.99 16.26
C ILE B 219 2.43 30.17 17.28
N GLU B 220 3.43 30.30 18.12
CA GLU B 220 3.48 31.39 19.12
C GLU B 220 3.59 32.75 18.31
N ASN B 221 4.29 32.80 17.21
CA ASN B 221 4.60 34.05 16.49
C ASN B 221 3.39 34.56 15.80
N TYR B 222 2.49 33.69 15.34
CA TYR B 222 1.33 34.17 14.58
C TYR B 222 0.18 33.16 14.75
N LYS B 223 -0.51 33.32 15.85
CA LYS B 223 -1.40 32.31 16.36
C LYS B 223 -2.45 31.93 15.33
N PRO B 224 -2.50 30.67 14.96
CA PRO B 224 -3.55 30.24 14.04
C PRO B 224 -4.95 30.16 14.55
N ASP B 225 -5.87 30.06 13.65
CA ASP B 225 -7.25 29.84 14.08
C ASP B 225 -7.50 28.52 14.65
N LYS B 226 -6.76 27.49 14.27
CA LYS B 226 -7.01 26.17 14.80
C LYS B 226 -5.69 25.41 14.60
N VAL B 227 -5.40 24.47 15.49
CA VAL B 227 -4.25 23.63 15.38
C VAL B 227 -4.70 22.21 15.45
N TYR B 228 -4.14 21.35 14.55
CA TYR B 228 -4.30 19.90 14.73
C TYR B 228 -2.89 19.31 14.85
N ARG B 229 -2.65 18.42 15.84
CA ARG B 229 -1.39 17.75 16.03
CA ARG B 229 -1.36 17.75 16.00
C ARG B 229 -1.63 16.30 15.69
N VAL B 230 -0.84 15.75 14.78
CA VAL B 230 -0.90 14.39 14.37
C VAL B 230 0.17 13.65 15.12
N GLN B 231 -0.17 12.53 15.75
CA GLN B 231 0.81 11.67 16.37
C GLN B 231 1.64 10.84 15.36
N GLY B 232 2.93 10.61 15.60
CA GLY B 232 3.81 9.94 14.64
C GLY B 232 3.95 10.64 13.32
N GLY B 233 4.27 9.85 12.26
CA GLY B 233 4.38 10.43 10.96
C GLY B 233 5.70 11.10 10.79
N ASP B 234 5.79 12.05 9.89
CA ASP B 234 7.05 12.69 9.73
C ASP B 234 6.69 14.01 8.96
N HIS B 235 7.67 14.60 8.31
CA HIS B 235 7.46 15.86 7.67
C HIS B 235 6.45 15.72 6.56
N LYS B 236 6.39 14.52 5.92
CA LYS B 236 5.48 14.30 4.77
C LYS B 236 4.16 13.60 5.15
N LEU B 237 3.33 14.30 5.94
CA LEU B 237 2.11 13.71 6.45
C LEU B 237 1.13 13.25 5.40
N GLN B 238 1.10 13.92 4.27
CA GLN B 238 0.29 13.51 3.10
C GLN B 238 0.69 12.18 2.50
N LEU B 239 1.87 11.70 2.83
CA LEU B 239 2.31 10.31 2.48
C LEU B 239 2.34 9.33 3.63
N SER B 240 2.81 9.78 4.80
CA SER B 240 2.92 8.98 6.00
C SER B 240 1.67 8.85 6.80
N LYS B 241 0.77 9.85 6.69
CA LYS B 241 -0.46 9.81 7.47
C LYS B 241 -1.63 10.30 6.66
N THR B 242 -1.75 9.78 5.46
CA THR B 242 -2.63 10.35 4.48
C THR B 242 -4.05 10.35 4.93
N ASN B 243 -4.48 9.28 5.56
CA ASN B 243 -5.83 9.10 5.92
C ASN B 243 -6.20 10.09 7.11
N GLU B 244 -5.32 10.26 8.07
CA GLU B 244 -5.61 11.15 9.21
C GLU B 244 -5.60 12.56 8.67
N LEU B 245 -4.72 12.88 7.71
CA LEU B 245 -4.75 14.18 7.07
C LEU B 245 -6.04 14.38 6.33
N ALA B 246 -6.48 13.36 5.60
CA ALA B 246 -7.76 13.51 4.95
C ALA B 246 -8.91 13.76 5.97
N GLU B 247 -8.87 13.10 7.10
CA GLU B 247 -9.88 13.28 8.10
C GLU B 247 -9.89 14.68 8.72
N ILE B 248 -8.71 15.20 9.01
CA ILE B 248 -8.57 16.59 9.39
C ILE B 248 -9.09 17.56 8.35
N LEU B 249 -8.82 17.30 7.07
CA LEU B 249 -9.23 18.19 6.03
C LEU B 249 -10.76 18.14 5.89
N GLN B 250 -11.36 16.97 6.13
CA GLN B 250 -12.83 16.87 6.09
C GLN B 250 -13.45 17.73 7.22
N GLU B 251 -12.81 17.77 8.37
CA GLU B 251 -13.28 18.61 9.45
C GLU B 251 -13.07 20.13 9.14
N VAL B 252 -12.01 20.47 8.44
CA VAL B 252 -11.72 21.84 8.05
C VAL B 252 -12.80 22.23 7.04
N ALA B 253 -13.10 21.32 6.14
CA ALA B 253 -14.17 21.58 5.18
C ALA B 253 -15.52 21.87 5.90
N ASP B 254 -15.87 21.03 6.84
CA ASP B 254 -17.17 21.15 7.61
C ASP B 254 -17.22 22.45 8.34
N THR B 255 -16.10 22.93 8.84
CA THR B 255 -16.07 24.20 9.60
C THR B 255 -16.15 25.40 8.74
N TYR B 256 -15.41 25.39 7.65
CA TYR B 256 -15.10 26.65 6.92
C TYR B 256 -15.80 26.82 5.64
N ALA B 257 -16.35 25.76 5.13
CA ALA B 257 -16.58 25.81 3.67
C ALA B 257 -18.05 26.18 3.78
N ASP B 258 -18.45 27.27 3.11
CA ASP B 258 -19.79 27.93 3.13
C ASP B 258 -21.01 26.99 2.78
N LEU B 259 -22.23 27.26 3.28
CA LEU B 259 -23.46 26.49 2.84
C LEU B 259 -24.26 27.00 1.60
N LEU B 260 -23.54 26.95 0.47
CA LEU B 260 -24.08 26.94 -0.89
C LEU B 260 -24.49 28.33 -1.32
N ALA C 2 21.87 -16.37 -1.39
CA ALA C 2 21.25 -17.59 -0.75
C ALA C 2 19.70 -17.37 -0.45
N THR C 3 18.92 -18.46 -0.58
CA THR C 3 17.53 -18.55 -0.09
C THR C 3 17.45 -19.41 1.18
N ALA C 4 16.55 -19.06 2.08
CA ALA C 4 16.44 -19.69 3.38
C ALA C 4 15.02 -20.02 3.58
N HIS C 5 14.82 -20.67 4.71
CA HIS C 5 13.50 -20.99 5.21
C HIS C 5 13.34 -20.21 6.54
N PHE C 6 12.53 -19.17 6.47
CA PHE C 6 12.22 -18.28 7.60
C PHE C 6 10.99 -18.75 8.29
N VAL C 7 11.03 -18.80 9.63
CA VAL C 7 9.84 -19.19 10.35
C VAL C 7 9.55 -17.96 11.24
N LEU C 8 8.40 -17.39 11.05
CA LEU C 8 8.06 -16.11 11.63
C LEU C 8 7.12 -16.42 12.80
N ILE C 9 7.40 -15.74 13.92
CA ILE C 9 6.72 -15.99 15.13
C ILE C 9 6.25 -14.70 15.77
N HIS C 10 4.93 -14.61 15.85
CA HIS C 10 4.21 -13.45 16.36
C HIS C 10 4.32 -13.32 17.88
N THR C 11 3.92 -12.16 18.34
CA THR C 11 3.92 -11.88 19.78
C THR C 11 2.53 -12.22 20.41
N ILE C 12 2.43 -12.05 21.72
CA ILE C 12 1.16 -12.31 22.42
C ILE C 12 0.08 -11.35 21.99
N CYS C 13 -1.12 -11.91 21.97
CA CYS C 13 -2.31 -11.21 21.50
C CYS C 13 -2.40 -11.04 19.98
N HIS C 14 -1.43 -11.50 19.26
CA HIS C 14 -1.45 -11.44 17.83
C HIS C 14 -1.46 -12.86 17.24
N GLY C 15 -1.16 -12.95 15.97
CA GLY C 15 -1.26 -14.23 15.22
C GLY C 15 -0.42 -14.13 13.96
N ALA C 16 -0.42 -15.19 13.18
CA ALA C 16 0.32 -15.26 11.99
C ALA C 16 0.05 -14.05 11.02
N TRP C 17 -1.18 -13.52 11.04
CA TRP C 17 -1.62 -12.45 10.15
C TRP C 17 -0.72 -11.22 10.20
N ILE C 18 -0.07 -10.96 11.32
CA ILE C 18 0.94 -9.85 11.43
C ILE C 18 2.00 -9.86 10.35
N TRP C 19 2.29 -11.03 9.81
CA TRP C 19 3.23 -11.18 8.78
C TRP C 19 2.68 -11.18 7.38
N TYR C 20 1.43 -10.71 7.15
CA TYR C 20 0.86 -10.74 5.91
C TYR C 20 1.60 -9.95 4.81
N LYS C 21 2.36 -8.96 5.18
CA LYS C 21 3.15 -8.17 4.18
C LYS C 21 4.60 -8.70 4.07
N LEU C 22 5.22 -9.14 5.20
CA LEU C 22 6.61 -9.60 5.08
C LEU C 22 6.68 -10.92 4.34
N LYS C 23 5.70 -11.83 4.56
CA LYS C 23 5.80 -13.13 3.94
C LYS C 23 5.88 -13.17 2.42
N PRO C 24 4.97 -12.48 1.71
CA PRO C 24 5.13 -12.52 0.30
C PRO C 24 6.34 -11.69 -0.23
N LEU C 25 6.77 -10.70 0.52
CA LEU C 25 7.98 -9.95 0.13
C LEU C 25 9.20 -10.90 0.20
N LEU C 26 9.31 -11.68 1.28
CA LEU C 26 10.35 -12.68 1.37
C LEU C 26 10.30 -13.78 0.23
N GLU C 27 9.09 -14.28 -0.02
CA GLU C 27 8.93 -15.23 -1.08
C GLU C 27 9.35 -14.79 -2.47
N ALA C 28 9.17 -13.53 -2.75
CA ALA C 28 9.63 -12.99 -4.04
C ALA C 28 11.12 -13.23 -4.27
N ALA C 29 11.89 -13.19 -3.23
CA ALA C 29 13.33 -13.45 -3.38
C ALA C 29 13.63 -14.93 -3.46
N GLY C 30 12.60 -15.80 -3.44
CA GLY C 30 12.81 -17.27 -3.45
C GLY C 30 12.87 -17.98 -2.14
N HIS C 31 12.63 -17.25 -1.03
CA HIS C 31 12.69 -17.89 0.28
C HIS C 31 11.41 -18.68 0.55
N LYS C 32 11.52 -19.69 1.40
CA LYS C 32 10.36 -20.34 1.93
C LYS C 32 10.06 -19.61 3.25
N VAL C 33 8.80 -19.47 3.52
CA VAL C 33 8.27 -18.77 4.72
C VAL C 33 7.15 -19.59 5.36
N THR C 34 7.28 -19.81 6.67
CA THR C 34 6.28 -20.37 7.44
C THR C 34 5.91 -19.34 8.51
N ALA C 35 4.60 -19.06 8.60
CA ALA C 35 4.08 -18.16 9.61
C ALA C 35 3.00 -18.92 10.37
N LEU C 36 3.25 -19.31 11.62
CA LEU C 36 2.32 -20.09 12.44
C LEU C 36 1.55 -19.27 13.41
N ASP C 37 0.35 -19.76 13.72
CA ASP C 37 -0.42 -19.27 14.84
C ASP C 37 0.09 -20.07 16.02
N LEU C 38 0.41 -19.42 17.12
CA LEU C 38 0.75 -20.12 18.34
C LEU C 38 -0.55 -20.48 19.02
N ALA C 39 -0.51 -21.16 20.15
CA ALA C 39 -1.75 -21.62 20.76
C ALA C 39 -2.59 -20.44 21.18
N ALA C 40 -3.91 -20.63 20.98
CA ALA C 40 -4.89 -19.65 21.23
C ALA C 40 -4.62 -18.27 20.63
N SER C 41 -3.89 -18.24 19.53
CA SER C 41 -3.53 -16.99 18.89
C SER C 41 -4.08 -17.02 17.44
N GLY C 42 -4.34 -15.84 16.86
CA GLY C 42 -4.87 -15.72 15.46
C GLY C 42 -6.18 -16.51 15.27
N ILE C 43 -6.25 -17.45 14.39
CA ILE C 43 -7.42 -18.28 14.27
C ILE C 43 -7.18 -19.64 14.89
N ASP C 44 -6.13 -19.85 15.65
CA ASP C 44 -6.06 -21.12 16.44
C ASP C 44 -7.41 -21.32 17.19
N PRO C 45 -8.02 -22.50 17.15
CA PRO C 45 -9.34 -22.65 17.91
C PRO C 45 -9.35 -22.65 19.45
N ARG C 46 -8.21 -22.83 20.07
CA ARG C 46 -8.19 -22.82 21.50
C ARG C 46 -8.33 -21.40 22.05
N GLN C 47 -8.75 -21.28 23.29
CA GLN C 47 -8.90 -20.01 23.92
C GLN C 47 -7.80 -19.91 24.95
N ILE C 48 -7.31 -18.68 25.19
CA ILE C 48 -6.18 -18.48 26.11
C ILE C 48 -6.38 -19.04 27.51
N GLU C 49 -7.63 -19.02 27.96
CA GLU C 49 -7.99 -19.52 29.29
C GLU C 49 -7.90 -21.02 29.41
N GLN C 50 -7.66 -21.71 28.30
CA GLN C 50 -7.30 -23.13 28.40
C GLN C 50 -5.82 -23.38 28.34
N ILE C 51 -4.96 -22.33 28.29
CA ILE C 51 -3.50 -22.52 28.19
C ILE C 51 -2.86 -22.20 29.54
N ASN C 52 -2.06 -23.13 30.10
CA ASN C 52 -1.42 -22.98 31.40
C ASN C 52 0.01 -22.64 31.40
N THR C 53 0.77 -22.89 30.31
CA THR C 53 2.25 -22.77 30.37
C THR C 53 2.80 -22.22 29.04
N PHE C 54 4.02 -21.64 29.10
CA PHE C 54 4.66 -21.14 27.98
C PHE C 54 4.97 -22.25 26.92
N ASP C 55 5.34 -23.42 27.40
CA ASP C 55 5.42 -24.65 26.62
C ASP C 55 4.20 -24.94 25.78
N GLU C 56 3.01 -24.96 26.37
CA GLU C 56 1.82 -25.25 25.57
C GLU C 56 1.50 -24.11 24.65
N TYR C 57 1.65 -22.88 25.13
CA TYR C 57 1.54 -21.66 24.21
C TYR C 57 2.41 -21.88 22.93
N SER C 58 3.65 -22.30 23.10
CA SER C 58 4.67 -22.43 22.09
C SER C 58 4.56 -23.69 21.24
N GLU C 59 3.63 -24.57 21.63
CA GLU C 59 3.56 -25.91 21.04
C GLU C 59 3.54 -25.93 19.50
N PRO C 60 2.87 -24.97 18.81
CA PRO C 60 2.84 -25.06 17.37
C PRO C 60 4.17 -24.82 16.74
N LEU C 61 4.98 -23.99 17.36
CA LEU C 61 6.38 -23.80 16.90
C LEU C 61 7.18 -25.10 17.17
N LEU C 62 7.06 -25.63 18.37
CA LEU C 62 7.92 -26.82 18.68
C LEU C 62 7.59 -28.05 17.79
N THR C 63 6.27 -28.27 17.53
CA THR C 63 5.80 -29.28 16.67
C THR C 63 6.31 -29.10 15.25
N PHE C 64 6.26 -27.85 14.76
CA PHE C 64 6.71 -27.56 13.44
C PHE C 64 8.22 -27.82 13.47
N MET C 65 8.96 -27.40 14.48
CA MET C 65 10.40 -27.66 14.41
C MET C 65 10.72 -29.21 14.40
N GLU C 66 10.00 -29.97 15.20
CA GLU C 66 9.99 -31.47 15.15
C GLU C 66 9.83 -32.02 13.74
N SER C 67 8.86 -31.50 13.01
CA SER C 67 8.53 -31.96 11.63
C SER C 67 9.66 -31.64 10.53
N LEU C 68 10.56 -30.72 10.78
CA LEU C 68 11.56 -30.35 9.76
C LEU C 68 12.45 -31.57 9.38
N PRO C 69 12.52 -31.92 8.11
CA PRO C 69 13.38 -33.05 7.72
C PRO C 69 14.84 -32.83 8.06
N GLN C 70 15.56 -33.91 8.20
CA GLN C 70 16.96 -33.82 8.62
C GLN C 70 17.77 -33.03 7.57
N GLY C 71 18.74 -32.30 8.10
CA GLY C 71 19.49 -31.36 7.37
C GLY C 71 18.82 -30.07 6.93
N GLU C 72 17.49 -29.89 7.07
CA GLU C 72 16.90 -28.57 6.77
C GLU C 72 16.99 -27.63 7.97
N LYS C 73 17.62 -26.50 7.77
CA LYS C 73 17.83 -25.52 8.79
C LYS C 73 16.94 -24.29 8.49
N VAL C 74 16.48 -23.58 9.55
CA VAL C 74 15.61 -22.42 9.35
C VAL C 74 16.20 -21.24 10.05
N ILE C 75 15.71 -20.05 9.74
CA ILE C 75 16.04 -18.90 10.46
C ILE C 75 14.70 -18.51 11.13
N LEU C 76 14.76 -18.44 12.46
CA LEU C 76 13.63 -18.01 13.28
C LEU C 76 13.56 -16.54 13.35
N VAL C 77 12.39 -16.01 13.21
CA VAL C 77 12.21 -14.51 13.31
C VAL C 77 11.08 -14.21 14.26
N GLY C 78 11.39 -13.50 15.33
CA GLY C 78 10.39 -13.31 16.42
C GLY C 78 10.22 -11.87 16.74
N GLU C 79 8.96 -11.43 16.89
CA GLU C 79 8.66 -10.06 17.21
C GLU C 79 8.25 -10.06 18.65
N SER C 80 8.68 -9.03 19.33
CA SER C 80 8.25 -8.73 20.71
C SER C 80 8.40 -9.99 21.67
N CYS C 81 7.31 -10.53 22.25
CA CYS C 81 7.35 -11.72 23.02
C CYS C 81 7.69 -12.98 22.26
N GLY C 82 7.60 -12.96 20.95
CA GLY C 82 8.09 -14.11 20.12
C GLY C 82 9.55 -14.41 20.37
N GLY C 83 10.29 -13.46 20.88
CA GLY C 83 11.69 -13.80 21.21
C GLY C 83 11.74 -14.88 22.28
N LEU C 84 10.82 -14.85 23.22
CA LEU C 84 10.79 -15.99 24.16
C LEU C 84 10.57 -17.35 23.49
N ASN C 85 9.65 -17.42 22.58
CA ASN C 85 9.34 -18.66 21.92
C ASN C 85 10.59 -19.09 21.15
N ILE C 86 11.27 -18.14 20.49
CA ILE C 86 12.56 -18.40 19.83
CA ILE C 86 12.58 -18.37 19.85
C ILE C 86 13.54 -19.11 20.75
N ALA C 87 13.67 -18.66 21.95
CA ALA C 87 14.70 -19.26 22.82
C ALA C 87 14.38 -20.66 23.23
N LEU C 88 13.10 -20.90 23.50
CA LEU C 88 12.58 -22.23 23.82
C LEU C 88 12.74 -23.24 22.64
N ALA C 89 12.48 -22.80 21.44
CA ALA C 89 12.76 -23.67 20.27
C ALA C 89 14.18 -23.94 20.15
N ALA C 90 14.99 -22.90 20.27
CA ALA C 90 16.43 -23.05 20.13
C ALA C 90 17.07 -23.96 21.13
N ASP C 91 16.42 -24.11 22.27
CA ASP C 91 16.94 -24.92 23.28
C ASP C 91 16.73 -26.32 22.95
N LYS C 92 15.63 -26.62 22.26
CA LYS C 92 15.27 -27.96 21.91
C LYS C 92 15.79 -28.43 20.50
N TYR C 93 16.07 -27.51 19.57
CA TYR C 93 16.45 -27.85 18.21
C TYR C 93 17.60 -26.96 17.74
N PRO C 94 18.61 -26.70 18.58
CA PRO C 94 19.74 -25.87 18.09
C PRO C 94 20.36 -26.24 16.72
N GLU C 95 20.28 -27.51 16.40
CA GLU C 95 20.91 -28.04 15.20
C GLU C 95 20.03 -27.75 13.99
N LYS C 96 18.74 -27.42 14.18
CA LYS C 96 17.88 -26.96 13.09
C LYS C 96 17.88 -25.48 12.75
N ILE C 97 18.71 -24.66 13.41
CA ILE C 97 18.61 -23.27 13.34
C ILE C 97 19.90 -22.62 12.83
N SER C 98 19.88 -21.96 11.68
CA SER C 98 20.99 -21.17 11.22
C SER C 98 21.21 -19.91 12.03
N ALA C 99 20.13 -19.23 12.36
CA ALA C 99 20.23 -18.05 13.16
C ALA C 99 18.82 -17.76 13.69
N ALA C 100 18.75 -17.01 14.76
CA ALA C 100 17.52 -16.40 15.26
C ALA C 100 17.59 -14.85 15.14
N VAL C 101 16.54 -14.27 14.62
CA VAL C 101 16.47 -12.82 14.42
C VAL C 101 15.39 -12.28 15.36
N PHE C 102 15.79 -11.36 16.22
CA PHE C 102 14.92 -10.72 17.24
C PHE C 102 14.57 -9.38 16.68
N HIS C 103 13.30 -9.16 16.43
CA HIS C 103 12.76 -7.89 15.88
C HIS C 103 11.99 -7.02 16.93
N ASN C 104 12.55 -5.92 17.45
CA ASN C 104 12.04 -5.25 18.67
C ASN C 104 11.46 -6.31 19.58
N ALA C 105 12.30 -7.21 20.04
CA ALA C 105 11.93 -8.47 20.63
C ALA C 105 12.62 -8.65 21.98
N LEU C 106 11.95 -9.31 22.87
CA LEU C 106 12.53 -9.75 24.12
C LEU C 106 13.56 -10.80 23.82
N MET C 107 14.77 -10.67 24.36
CA MET C 107 15.87 -11.53 24.06
C MET C 107 16.42 -12.04 25.39
N PRO C 108 15.99 -13.24 25.79
CA PRO C 108 16.49 -13.85 27.02
C PRO C 108 17.93 -14.25 26.95
N ASP C 109 18.49 -14.73 28.04
CA ASP C 109 19.92 -15.07 28.10
C ASP C 109 19.97 -16.43 28.74
N THR C 110 21.16 -16.89 29.08
CA THR C 110 21.30 -18.20 29.76
C THR C 110 21.61 -18.04 31.27
N GLU C 111 22.18 -16.90 31.61
CA GLU C 111 22.77 -16.64 32.89
C GLU C 111 21.68 -16.35 33.89
N HIS C 112 20.53 -15.80 33.44
CA HIS C 112 19.38 -15.49 34.31
C HIS C 112 18.18 -16.45 34.04
N SER C 113 17.26 -16.35 34.96
CA SER C 113 15.97 -16.94 34.87
C SER C 113 15.42 -16.62 33.51
N PRO C 114 14.53 -17.43 33.00
CA PRO C 114 13.93 -17.06 31.67
C PRO C 114 13.00 -15.88 31.63
N SER C 115 12.41 -15.55 32.77
CA SER C 115 11.59 -14.36 32.88
C SER C 115 12.38 -13.04 33.02
N TYR C 116 13.72 -13.08 33.14
CA TYR C 116 14.55 -11.96 33.49
C TYR C 116 14.23 -10.71 32.66
N VAL C 117 14.17 -10.86 31.38
CA VAL C 117 13.94 -9.64 30.53
C VAL C 117 12.47 -9.24 30.51
N VAL C 118 11.59 -10.23 30.74
CA VAL C 118 10.16 -9.97 30.77
C VAL C 118 9.90 -9.14 32.06
N ASP C 119 10.47 -9.61 33.16
CA ASP C 119 10.35 -8.96 34.51
C ASP C 119 10.84 -7.51 34.38
N LYS C 120 12.02 -7.37 33.81
CA LYS C 120 12.56 -6.04 33.55
C LYS C 120 11.61 -5.11 32.70
N PHE C 121 11.17 -5.62 31.59
CA PHE C 121 10.27 -4.87 30.74
C PHE C 121 9.08 -4.40 31.59
N MET C 122 8.53 -5.28 32.39
CA MET C 122 7.32 -4.96 33.14
C MET C 122 7.61 -3.89 34.16
N GLU C 123 8.76 -3.95 34.82
CA GLU C 123 9.16 -2.83 35.66
C GLU C 123 9.44 -1.53 34.92
N VAL C 124 9.96 -1.53 33.72
CA VAL C 124 10.30 -0.28 33.03
C VAL C 124 9.14 0.33 32.22
N PHE C 125 8.11 -0.43 31.91
CA PHE C 125 7.09 0.08 31.04
C PHE C 125 6.09 0.91 31.83
N PRO C 126 5.97 2.21 31.43
CA PRO C 126 5.33 3.16 32.33
C PRO C 126 3.79 2.98 32.42
N ASP C 127 3.12 2.73 31.29
CA ASP C 127 1.66 2.88 31.25
C ASP C 127 0.98 1.91 30.26
N TRP C 128 0.19 0.93 30.76
CA TRP C 128 -0.64 0.12 29.92
C TRP C 128 -1.86 0.78 29.31
N LYS C 129 -2.11 2.02 29.64
CA LYS C 129 -3.24 2.79 29.06
C LYS C 129 -4.57 2.05 29.21
N ASP C 130 -5.32 1.82 28.12
CA ASP C 130 -6.63 1.20 28.15
C ASP C 130 -6.60 -0.37 28.10
N THR C 131 -5.45 -0.98 28.32
CA THR C 131 -5.34 -2.42 28.31
C THR C 131 -6.18 -3.03 29.42
N GLU C 132 -6.88 -4.07 29.13
CA GLU C 132 -7.72 -4.69 30.18
C GLU C 132 -7.02 -5.97 30.63
N PHE C 133 -6.75 -6.09 31.90
CA PHE C 133 -6.16 -7.22 32.51
C PHE C 133 -7.29 -8.01 33.13
N SER C 134 -7.20 -9.31 33.06
CA SER C 134 -8.17 -10.20 33.69
C SER C 134 -7.42 -11.41 34.28
N THR C 135 -8.03 -12.17 35.16
CA THR C 135 -7.39 -13.39 35.63
C THR C 135 -8.31 -14.53 35.22
N TYR C 136 -7.74 -15.69 34.96
CA TYR C 136 -8.53 -16.87 34.77
C TYR C 136 -7.83 -18.01 35.60
N THR C 137 -8.58 -19.07 35.84
CA THR C 137 -8.05 -20.25 36.56
C THR C 137 -8.16 -21.42 35.60
N SER C 138 -7.05 -22.11 35.39
CA SER C 138 -6.94 -23.32 34.59
C SER C 138 -6.01 -24.25 35.39
N ASN C 139 -6.46 -25.49 35.66
CA ASN C 139 -5.68 -26.46 36.48
C ASN C 139 -5.37 -25.91 37.89
N ASN C 140 -6.32 -25.20 38.53
CA ASN C 140 -6.16 -24.69 39.90
C ASN C 140 -5.05 -23.71 40.09
N GLU C 141 -4.73 -23.00 39.06
CA GLU C 141 -3.82 -21.90 39.20
C GLU C 141 -4.31 -20.68 38.42
N THR C 142 -4.25 -19.55 39.08
CA THR C 142 -4.69 -18.31 38.54
C THR C 142 -3.62 -17.75 37.66
N ILE C 143 -3.96 -17.42 36.42
CA ILE C 143 -3.05 -16.81 35.44
C ILE C 143 -3.62 -15.42 35.02
N THR C 144 -2.74 -14.46 34.80
CA THR C 144 -3.14 -13.13 34.33
C THR C 144 -3.29 -13.11 32.86
N GLY C 145 -4.44 -12.67 32.39
CA GLY C 145 -4.62 -12.36 30.94
C GLY C 145 -4.70 -10.87 30.61
N MET C 146 -4.42 -10.57 29.37
CA MET C 146 -4.50 -9.26 28.88
C MET C 146 -5.11 -9.13 27.53
N LYS C 147 -5.93 -8.10 27.36
CA LYS C 147 -6.39 -7.61 26.00
C LYS C 147 -5.93 -6.17 25.74
N LEU C 148 -5.04 -6.01 24.80
CA LEU C 148 -4.37 -4.77 24.45
C LEU C 148 -5.39 -3.73 24.17
N GLY C 149 -5.25 -2.59 24.85
CA GLY C 149 -6.14 -1.47 24.61
C GLY C 149 -5.95 -0.90 23.17
N PHE C 150 -7.00 -0.37 22.59
CA PHE C 150 -6.94 0.20 21.28
C PHE C 150 -6.12 1.43 21.25
N LYS C 151 -6.11 2.12 22.34
CA LYS C 151 -5.34 3.35 22.39
C LYS C 151 -3.82 3.05 22.58
N LEU C 152 -3.46 2.06 23.41
CA LEU C 152 -2.10 1.62 23.54
C LEU C 152 -1.63 1.11 22.17
N MET C 153 -2.51 0.42 21.45
CA MET C 153 -2.10 -0.07 20.12
C MET C 153 -1.86 1.04 19.11
N ARG C 154 -2.73 2.06 19.14
CA ARG C 154 -2.64 3.14 18.14
C ARG C 154 -1.40 4.01 18.46
N GLU C 155 -1.14 4.33 19.73
CA GLU C 155 -0.10 5.28 20.09
C GLU C 155 1.24 4.62 20.30
N ASN C 156 1.26 3.38 20.78
CA ASN C 156 2.50 2.79 21.22
C ASN C 156 3.00 1.60 20.33
N LEU C 157 2.13 0.87 19.67
CA LEU C 157 2.54 -0.32 18.81
C LEU C 157 2.63 -0.03 17.33
N TYR C 158 1.56 0.56 16.82
CA TYR C 158 1.26 0.73 15.42
C TYR C 158 1.47 2.15 15.04
N THR C 159 2.18 2.89 15.88
CA THR C 159 2.40 4.34 15.75
C THR C 159 2.64 4.85 14.32
N ASN C 160 3.47 4.19 13.54
CA ASN C 160 3.76 4.67 12.22
C ASN C 160 3.44 3.64 11.16
N CYS C 161 2.48 2.76 11.38
CA CYS C 161 2.03 1.77 10.44
C CYS C 161 0.93 2.45 9.58
N PRO C 162 0.83 2.13 8.29
CA PRO C 162 -0.39 2.51 7.59
C PRO C 162 -1.62 2.19 8.38
N ILE C 163 -2.61 3.03 8.28
CA ILE C 163 -3.78 2.99 9.14
C ILE C 163 -4.57 1.68 9.06
N GLU C 164 -4.60 1.04 7.93
CA GLU C 164 -5.27 -0.20 7.79
C GLU C 164 -4.68 -1.36 8.64
N ASP C 165 -3.39 -1.30 8.90
CA ASP C 165 -2.72 -2.29 9.78
C ASP C 165 -3.17 -2.16 11.20
N TYR C 166 -3.25 -0.89 11.65
CA TYR C 166 -3.94 -0.62 12.92
C TYR C 166 -5.42 -1.19 12.94
N GLU C 167 -6.24 -0.85 11.97
CA GLU C 167 -7.56 -1.44 11.87
C GLU C 167 -7.60 -2.93 11.93
N LEU C 168 -6.71 -3.64 11.21
N LEU C 168 -6.72 -3.55 11.16
CA LEU C 168 -6.60 -5.10 11.31
CA LEU C 168 -6.61 -4.95 11.14
C LEU C 168 -6.36 -5.50 12.68
C LEU C 168 -6.30 -5.48 12.54
N ALA C 169 -5.40 -4.83 13.29
CA ALA C 169 -5.05 -5.21 14.64
C ALA C 169 -6.27 -5.04 15.60
N LYS C 170 -7.05 -3.99 15.44
CA LYS C 170 -8.33 -3.93 16.16
C LYS C 170 -9.33 -5.11 15.88
N MET C 171 -9.30 -5.66 14.68
CA MET C 171 -10.25 -6.66 14.22
C MET C 171 -9.81 -8.06 14.59
N LEU C 172 -8.50 -8.20 14.95
CA LEU C 172 -7.83 -9.50 15.11
C LEU C 172 -7.13 -9.76 16.43
N THR C 173 -6.76 -8.74 17.19
CA THR C 173 -6.01 -9.01 18.45
C THR C 173 -6.93 -9.70 19.43
N ARG C 174 -6.39 -10.64 20.18
CA ARG C 174 -7.14 -11.49 21.10
C ARG C 174 -6.54 -11.39 22.47
N LYS C 175 -7.27 -11.87 23.40
CA LYS C 175 -6.74 -12.00 24.74
C LYS C 175 -5.53 -12.91 24.74
N GLY C 176 -4.45 -12.47 25.38
CA GLY C 176 -3.26 -13.33 25.50
C GLY C 176 -2.69 -13.34 26.89
N SER C 177 -1.55 -14.00 27.06
CA SER C 177 -0.81 -13.94 28.37
C SER C 177 0.74 -14.09 28.13
N PHE C 178 1.55 -13.38 28.90
CA PHE C 178 3.02 -13.59 28.99
C PHE C 178 3.37 -14.93 29.65
N PHE C 179 2.49 -15.45 30.53
CA PHE C 179 2.79 -16.65 31.35
C PHE C 179 4.04 -16.35 32.16
N GLN C 180 4.01 -15.16 32.70
CA GLN C 180 5.11 -14.61 33.46
C GLN C 180 5.50 -15.54 34.65
N ASN C 181 4.53 -16.10 35.39
CA ASN C 181 4.82 -17.06 36.51
C ASN C 181 5.51 -18.27 36.04
N ASP C 182 4.94 -18.89 35.00
CA ASP C 182 5.57 -20.12 34.48
C ASP C 182 7.06 -19.85 34.04
N LEU C 183 7.28 -18.79 33.28
CA LEU C 183 8.67 -18.48 32.89
C LEU C 183 9.60 -18.24 34.07
N ALA C 184 9.13 -17.60 35.14
CA ALA C 184 10.06 -17.24 36.21
C ALA C 184 10.48 -18.53 36.94
N GLN C 185 9.63 -19.54 36.97
CA GLN C 185 10.01 -20.78 37.70
C GLN C 185 10.65 -21.86 36.75
N ARG C 186 10.68 -21.57 35.45
CA ARG C 186 11.27 -22.55 34.48
C ARG C 186 12.76 -22.64 34.70
N PRO C 187 13.36 -23.78 34.32
CA PRO C 187 14.83 -23.80 34.34
C PRO C 187 15.42 -22.81 33.22
N LYS C 188 16.63 -22.34 33.46
CA LYS C 188 17.36 -21.45 32.66
C LYS C 188 17.40 -22.09 31.31
N PHE C 189 17.30 -21.30 30.26
CA PHE C 189 17.74 -21.71 28.94
C PHE C 189 19.24 -22.13 29.07
N THR C 190 19.66 -23.10 28.26
CA THR C 190 20.97 -23.75 28.32
C THR C 190 22.01 -23.17 27.35
N GLU C 191 23.27 -23.19 27.77
CA GLU C 191 24.38 -22.78 26.89
C GLU C 191 24.62 -23.62 25.63
N GLU C 192 24.47 -24.93 25.75
CA GLU C 192 24.59 -25.80 24.59
C GLU C 192 23.38 -25.68 23.66
N GLY C 193 22.20 -25.25 24.15
CA GLY C 193 21.01 -25.19 23.31
C GLY C 193 20.87 -23.77 22.75
N TYR C 194 20.07 -22.93 23.43
CA TYR C 194 19.78 -21.52 22.99
C TYR C 194 21.09 -20.70 22.94
N GLY C 195 22.01 -20.99 23.86
CA GLY C 195 23.23 -20.23 23.95
C GLY C 195 24.20 -20.57 22.87
N SER C 196 23.87 -21.58 22.07
CA SER C 196 24.73 -21.97 20.98
C SER C 196 24.35 -21.36 19.65
N ILE C 197 23.20 -20.68 19.52
CA ILE C 197 22.77 -20.26 18.15
C ILE C 197 23.24 -18.88 17.89
N LYS C 198 23.37 -18.52 16.63
CA LYS C 198 23.62 -17.14 16.21
C LYS C 198 22.36 -16.27 16.40
N ARG C 199 22.53 -15.14 17.07
CA ARG C 199 21.48 -14.24 17.36
C ARG C 199 21.72 -12.91 16.72
N VAL C 200 20.71 -12.43 16.07
CA VAL C 200 20.79 -11.14 15.36
C VAL C 200 19.68 -10.26 15.96
N TYR C 201 19.98 -9.03 16.35
CA TYR C 201 19.02 -8.17 17.06
C TYR C 201 18.72 -6.94 16.22
N VAL C 202 17.49 -6.88 15.78
CA VAL C 202 16.92 -5.85 14.93
C VAL C 202 16.00 -4.94 15.81
N TRP C 203 16.24 -3.62 15.73
CA TRP C 203 15.41 -2.69 16.48
C TRP C 203 15.32 -1.30 15.86
N THR C 204 14.43 -0.49 16.41
CA THR C 204 14.44 0.92 16.21
C THR C 204 14.37 1.66 17.51
N ASP C 205 15.07 2.78 17.51
CA ASP C 205 15.05 3.65 18.68
C ASP C 205 13.75 4.50 18.80
N GLU C 206 12.84 4.34 17.87
CA GLU C 206 11.56 5.05 17.90
C GLU C 206 10.44 4.14 18.39
N ASP C 207 10.79 2.96 18.88
CA ASP C 207 9.79 1.99 19.36
C ASP C 207 9.19 2.67 20.61
N LYS C 208 7.90 2.82 20.61
CA LYS C 208 7.21 3.41 21.77
C LYS C 208 6.69 2.43 22.77
N ILE C 209 7.00 1.16 22.65
CA ILE C 209 6.78 0.19 23.69
C ILE C 209 8.06 -0.19 24.42
N PHE C 210 9.05 -0.62 23.63
CA PHE C 210 10.37 -0.96 24.11
C PHE C 210 11.24 0.25 23.92
N PRO C 211 11.42 1.04 24.97
CA PRO C 211 12.25 2.17 24.79
C PRO C 211 13.73 1.84 24.52
N PRO C 212 14.48 2.75 23.93
CA PRO C 212 15.88 2.46 23.58
C PRO C 212 16.75 2.05 24.72
N GLU C 213 16.58 2.66 25.90
CA GLU C 213 17.35 2.26 27.07
C GLU C 213 17.10 0.77 27.43
N PHE C 214 15.88 0.27 27.25
CA PHE C 214 15.60 -1.13 27.46
C PHE C 214 16.31 -1.99 26.36
N GLN C 215 16.19 -1.60 25.13
CA GLN C 215 16.79 -2.33 24.02
C GLN C 215 18.29 -2.39 24.12
N LEU C 216 18.93 -1.26 24.48
CA LEU C 216 20.35 -1.22 24.62
C LEU C 216 20.78 -2.12 25.82
N TRP C 217 19.98 -2.12 26.88
CA TRP C 217 20.14 -2.98 27.99
C TRP C 217 20.18 -4.46 27.60
N GLN C 218 19.17 -4.85 26.85
CA GLN C 218 19.14 -6.21 26.33
C GLN C 218 20.36 -6.57 25.53
N ILE C 219 20.73 -5.70 24.64
CA ILE C 219 21.90 -5.95 23.76
C ILE C 219 23.15 -6.09 24.59
N GLU C 220 23.24 -5.28 25.63
CA GLU C 220 24.39 -5.26 26.48
C GLU C 220 24.33 -6.52 27.38
N ASN C 221 23.15 -6.93 27.80
CA ASN C 221 23.03 -8.04 28.72
C ASN C 221 23.47 -9.28 28.07
N TYR C 222 23.25 -9.41 26.79
CA TYR C 222 23.55 -10.67 26.12
C TYR C 222 23.92 -10.48 24.68
N LYS C 223 25.21 -10.23 24.48
CA LYS C 223 25.72 -9.65 23.26
C LYS C 223 25.35 -10.50 22.08
N PRO C 224 24.64 -9.93 21.10
CA PRO C 224 24.28 -10.72 20.01
C PRO C 224 25.39 -10.80 18.95
N ASP C 225 25.21 -11.60 17.93
CA ASP C 225 26.22 -11.70 16.87
C ASP C 225 26.23 -10.51 15.95
N LYS C 226 25.09 -9.84 15.81
CA LYS C 226 25.00 -8.66 15.02
C LYS C 226 23.79 -7.95 15.43
N VAL C 227 23.81 -6.64 15.26
CA VAL C 227 22.72 -5.76 15.59
C VAL C 227 22.43 -4.89 14.39
N TYR C 228 21.17 -4.76 13.99
CA TYR C 228 20.78 -3.81 12.96
C TYR C 228 19.85 -2.85 13.63
N ARG C 229 20.15 -1.59 13.52
CA ARG C 229 19.21 -0.56 13.93
C ARG C 229 18.54 0.05 12.67
N VAL C 230 17.21 0.14 12.67
CA VAL C 230 16.44 0.67 11.62
C VAL C 230 15.99 2.05 12.05
N GLN C 231 16.26 3.04 11.16
CA GLN C 231 15.74 4.38 11.37
C GLN C 231 14.23 4.51 11.24
N GLY C 232 13.60 5.18 12.18
CA GLY C 232 12.14 5.48 12.05
C GLY C 232 11.32 4.26 12.36
N GLY C 233 10.08 4.22 11.87
CA GLY C 233 9.27 3.02 12.06
C GLY C 233 8.74 3.02 13.45
N ASP C 234 8.37 1.83 13.94
CA ASP C 234 7.77 1.71 15.19
C ASP C 234 8.06 0.25 15.76
N HIS C 235 7.32 -0.13 16.79
CA HIS C 235 7.38 -1.46 17.38
C HIS C 235 7.12 -2.58 16.36
N LYS C 236 6.28 -2.30 15.38
CA LYS C 236 5.83 -3.25 14.34
C LYS C 236 6.61 -3.08 12.99
N LEU C 237 7.88 -3.36 13.04
CA LEU C 237 8.77 -3.09 11.89
C LEU C 237 8.37 -3.95 10.68
N GLN C 238 7.72 -5.04 10.91
CA GLN C 238 7.24 -5.90 9.81
C GLN C 238 6.07 -5.30 9.05
N LEU C 239 5.45 -4.29 9.61
CA LEU C 239 4.40 -3.52 8.94
C LEU C 239 4.82 -2.14 8.56
N SER C 240 5.58 -1.46 9.39
CA SER C 240 6.01 -0.08 9.05
C SER C 240 7.25 -0.03 8.16
N LYS C 241 8.14 -1.02 8.25
CA LYS C 241 9.43 -1.04 7.54
C LYS C 241 9.68 -2.44 6.91
N THR C 242 8.63 -2.97 6.33
CA THR C 242 8.55 -4.31 5.78
C THR C 242 9.70 -4.56 4.83
N ASN C 243 10.01 -3.57 4.03
CA ASN C 243 10.96 -3.78 2.95
C ASN C 243 12.31 -3.78 3.54
N GLU C 244 12.59 -2.86 4.46
CA GLU C 244 13.93 -2.81 5.03
C GLU C 244 14.21 -4.07 5.96
N LEU C 245 13.18 -4.55 6.62
CA LEU C 245 13.31 -5.80 7.39
C LEU C 245 13.62 -6.95 6.44
N ALA C 246 12.90 -7.00 5.35
CA ALA C 246 13.19 -8.01 4.31
C ALA C 246 14.58 -8.00 3.82
N GLU C 247 15.08 -6.81 3.52
CA GLU C 247 16.38 -6.61 3.12
C GLU C 247 17.37 -7.15 4.18
N ILE C 248 17.14 -6.85 5.44
CA ILE C 248 17.98 -7.35 6.51
C ILE C 248 17.90 -8.87 6.62
N LEU C 249 16.70 -9.45 6.46
CA LEU C 249 16.55 -10.89 6.55
C LEU C 249 17.29 -11.63 5.38
N GLN C 250 17.33 -10.99 4.22
CA GLN C 250 18.09 -11.56 3.03
C GLN C 250 19.56 -11.52 3.41
N GLU C 251 20.03 -10.43 4.03
CA GLU C 251 21.47 -10.40 4.38
C GLU C 251 21.80 -11.48 5.42
N VAL C 252 20.91 -11.62 6.43
CA VAL C 252 21.02 -12.70 7.44
C VAL C 252 21.13 -14.08 6.79
N ALA C 253 20.30 -14.33 5.79
CA ALA C 253 20.28 -15.65 5.10
C ALA C 253 21.61 -15.92 4.43
N ASP C 254 22.11 -14.89 3.76
CA ASP C 254 23.42 -14.86 3.14
C ASP C 254 24.53 -15.11 4.17
N THR C 255 24.57 -14.38 5.28
CA THR C 255 25.64 -14.44 6.29
C THR C 255 25.70 -15.83 6.88
N TYR C 256 24.54 -16.48 7.08
CA TYR C 256 24.53 -17.74 7.75
C TYR C 256 24.25 -18.91 6.87
N ALA C 257 24.35 -18.75 5.56
CA ALA C 257 24.15 -19.85 4.58
C ALA C 257 25.15 -21.04 4.80
N ASP C 258 26.38 -20.73 5.09
CA ASP C 258 27.36 -21.77 5.45
C ASP C 258 27.68 -22.66 4.21
N LEU C 259 27.60 -22.07 3.02
CA LEU C 259 27.71 -22.79 1.79
C LEU C 259 29.08 -23.48 1.64
N LEU C 260 30.16 -22.76 1.97
CA LEU C 260 31.48 -23.27 1.83
C LEU C 260 31.65 -24.54 2.64
N ALA C 261 31.12 -24.59 3.89
CA ALA C 261 31.20 -25.82 4.79
C ALA C 261 30.39 -26.98 4.21
N VAL C 262 29.19 -26.68 3.71
CA VAL C 262 28.31 -27.65 3.09
C VAL C 262 29.00 -28.26 1.87
N ALA C 263 29.69 -27.44 1.12
CA ALA C 263 30.40 -27.92 -0.13
C ALA C 263 31.74 -28.56 0.09
N GLY C 264 32.16 -28.68 1.36
CA GLY C 264 33.46 -29.34 1.77
C GLY C 264 34.67 -28.42 1.56
N LEU C 265 34.50 -27.11 1.42
CA LEU C 265 35.61 -26.14 1.31
C LEU C 265 36.04 -25.60 2.70
N GLU C 266 35.39 -26.00 3.79
CA GLU C 266 35.91 -25.72 5.19
C GLU C 266 36.10 -26.95 6.09
N ALA D 2 -23.69 14.02 3.80
CA ALA D 2 -24.26 13.31 5.01
C ALA D 2 -23.31 12.21 5.43
N THR D 3 -23.32 11.99 6.74
CA THR D 3 -22.63 10.86 7.32
C THR D 3 -23.59 9.83 7.78
N ALA D 4 -23.18 8.57 7.82
CA ALA D 4 -24.03 7.50 8.12
C ALA D 4 -23.20 6.65 9.03
N HIS D 5 -23.88 5.71 9.67
CA HIS D 5 -23.29 4.63 10.43
C HIS D 5 -23.40 3.35 9.56
N PHE D 6 -22.29 2.92 8.94
CA PHE D 6 -22.32 1.73 8.05
C PHE D 6 -21.93 0.52 8.89
N VAL D 7 -22.66 -0.58 8.68
CA VAL D 7 -22.41 -1.86 9.33
C VAL D 7 -21.97 -2.76 8.19
N LEU D 8 -20.72 -3.17 8.25
CA LEU D 8 -20.13 -3.98 7.20
C LEU D 8 -20.21 -5.42 7.66
N ILE D 9 -20.62 -6.30 6.75
CA ILE D 9 -20.94 -7.69 7.03
C ILE D 9 -20.26 -8.55 5.97
N HIS D 10 -19.34 -9.40 6.47
CA HIS D 10 -18.53 -10.27 5.64
C HIS D 10 -19.25 -11.47 5.14
N THR D 11 -18.61 -12.17 4.20
CA THR D 11 -19.17 -13.40 3.67
C THR D 11 -18.70 -14.65 4.40
N ILE D 12 -19.27 -15.80 4.07
CA ILE D 12 -18.82 -17.02 4.77
C ILE D 12 -17.30 -17.27 4.58
N CYS D 13 -16.69 -17.90 5.58
CA CYS D 13 -15.29 -18.23 5.58
C CYS D 13 -14.37 -17.00 5.81
N HIS D 14 -14.93 -15.80 5.91
CA HIS D 14 -14.20 -14.58 6.16
C HIS D 14 -14.66 -14.03 7.51
N GLY D 15 -14.23 -12.80 7.88
CA GLY D 15 -14.72 -12.14 9.10
C GLY D 15 -14.53 -10.64 8.90
N ALA D 16 -14.60 -9.88 9.98
CA ALA D 16 -14.46 -8.43 9.98
C ALA D 16 -13.25 -7.90 9.28
N TRP D 17 -12.16 -8.64 9.40
CA TRP D 17 -10.91 -8.29 8.88
C TRP D 17 -10.95 -8.04 7.37
N ILE D 18 -11.94 -8.54 6.66
CA ILE D 18 -11.96 -8.23 5.22
C ILE D 18 -12.22 -6.74 4.89
N TRP D 19 -12.72 -6.00 5.89
CA TRP D 19 -13.05 -4.63 5.73
C TRP D 19 -11.90 -3.73 6.12
N TYR D 20 -10.73 -4.29 6.43
CA TYR D 20 -9.70 -3.51 7.00
C TYR D 20 -9.21 -2.25 6.25
N LYS D 21 -9.35 -2.21 4.94
CA LYS D 21 -8.94 -1.08 4.15
C LYS D 21 -10.13 -0.17 3.97
N LEU D 22 -11.35 -0.68 3.87
CA LEU D 22 -12.49 0.19 3.54
C LEU D 22 -12.87 1.08 4.82
N LYS D 23 -12.94 0.46 5.99
CA LYS D 23 -13.39 1.11 7.21
C LYS D 23 -12.69 2.41 7.48
N PRO D 24 -11.36 2.41 7.61
CA PRO D 24 -10.68 3.75 7.79
C PRO D 24 -10.91 4.79 6.61
N LEU D 25 -11.10 4.36 5.42
CA LEU D 25 -11.38 5.26 4.34
C LEU D 25 -12.76 5.93 4.54
N LEU D 26 -13.72 5.14 4.94
CA LEU D 26 -15.02 5.69 5.18
C LEU D 26 -15.04 6.60 6.44
N GLU D 27 -14.29 6.23 7.46
CA GLU D 27 -14.12 7.06 8.66
C GLU D 27 -13.39 8.41 8.33
N ALA D 28 -12.50 8.50 7.34
CA ALA D 28 -11.92 9.80 6.94
C ALA D 28 -12.99 10.79 6.45
N ALA D 29 -14.09 10.29 5.90
CA ALA D 29 -15.18 11.18 5.42
C ALA D 29 -16.15 11.55 6.57
N GLY D 30 -15.90 11.02 7.76
CA GLY D 30 -16.66 11.35 8.99
C GLY D 30 -17.77 10.33 9.27
N HIS D 31 -17.87 9.24 8.51
CA HIS D 31 -18.85 8.16 8.85
C HIS D 31 -18.47 7.36 10.08
N LYS D 32 -19.46 6.84 10.78
CA LYS D 32 -19.23 5.74 11.72
C LYS D 32 -19.28 4.38 11.02
N VAL D 33 -18.43 3.47 11.46
CA VAL D 33 -18.36 2.16 10.85
C VAL D 33 -18.29 1.12 11.90
N THR D 34 -19.14 0.12 11.74
CA THR D 34 -19.08 -1.07 12.56
C THR D 34 -18.82 -2.27 11.62
N ALA D 35 -17.74 -3.03 11.89
CA ALA D 35 -17.43 -4.31 11.25
C ALA D 35 -17.44 -5.47 12.25
N LEU D 36 -18.43 -6.35 12.14
CA LEU D 36 -18.60 -7.51 13.01
C LEU D 36 -18.10 -8.85 12.47
N ASP D 37 -17.71 -9.74 13.35
CA ASP D 37 -17.52 -11.16 13.10
C ASP D 37 -18.88 -11.82 13.33
N LEU D 38 -19.40 -12.50 12.32
CA LEU D 38 -20.52 -13.41 12.47
C LEU D 38 -20.13 -14.58 13.28
N ALA D 39 -21.09 -15.43 13.67
CA ALA D 39 -20.75 -16.62 14.40
C ALA D 39 -19.71 -17.46 13.71
N ALA D 40 -18.77 -17.95 14.52
CA ALA D 40 -17.77 -18.88 14.03
C ALA D 40 -16.97 -18.32 12.89
N SER D 41 -16.80 -16.98 12.87
CA SER D 41 -16.02 -16.29 11.80
C SER D 41 -14.99 -15.39 12.42
N GLY D 42 -13.96 -15.11 11.66
CA GLY D 42 -12.91 -14.21 12.10
C GLY D 42 -12.36 -14.70 13.44
N ILE D 43 -12.39 -13.86 14.49
CA ILE D 43 -11.82 -14.35 15.80
C ILE D 43 -12.96 -14.67 16.76
N ASP D 44 -14.21 -14.66 16.34
CA ASP D 44 -15.26 -15.39 17.09
C ASP D 44 -14.79 -16.80 17.55
N PRO D 45 -14.94 -17.11 18.84
CA PRO D 45 -14.40 -18.34 19.40
C PRO D 45 -15.24 -19.60 19.12
N ARG D 46 -16.46 -19.49 18.60
CA ARG D 46 -17.20 -20.68 18.14
C ARG D 46 -16.57 -21.26 16.85
N GLN D 47 -16.73 -22.56 16.72
CA GLN D 47 -16.46 -23.25 15.49
C GLN D 47 -17.79 -23.48 14.77
N ILE D 48 -17.70 -23.56 13.45
CA ILE D 48 -18.87 -23.62 12.60
C ILE D 48 -19.63 -24.91 12.91
N GLU D 49 -18.95 -25.98 13.34
CA GLU D 49 -19.68 -27.21 13.73
C GLU D 49 -20.62 -27.04 14.92
N GLN D 50 -20.47 -26.09 15.81
CA GLN D 50 -21.43 -25.68 16.88
CA GLN D 50 -21.56 -25.89 16.82
C GLN D 50 -22.60 -24.88 16.35
N ILE D 51 -22.57 -24.45 15.12
CA ILE D 51 -23.59 -23.56 14.59
C ILE D 51 -24.50 -24.34 13.68
N ASN D 52 -25.77 -24.41 14.03
CA ASN D 52 -26.73 -25.27 13.32
C ASN D 52 -27.58 -24.62 12.23
N THR D 53 -27.83 -23.32 12.32
CA THR D 53 -28.80 -22.67 11.41
C THR D 53 -28.26 -21.38 10.90
N PHE D 54 -28.91 -20.84 9.87
CA PHE D 54 -28.55 -19.57 9.35
C PHE D 54 -28.77 -18.46 10.38
N ASP D 55 -29.85 -18.60 11.14
CA ASP D 55 -30.27 -17.63 12.14
C ASP D 55 -29.14 -17.49 13.13
N GLU D 56 -28.69 -18.65 13.67
CA GLU D 56 -27.54 -18.72 14.58
C GLU D 56 -26.28 -18.07 13.92
N TYR D 57 -25.99 -18.31 12.64
CA TYR D 57 -24.79 -17.77 12.02
C TYR D 57 -24.87 -16.23 12.05
N SER D 58 -26.09 -15.72 11.88
CA SER D 58 -26.37 -14.31 11.88
C SER D 58 -26.47 -13.65 13.24
N GLU D 59 -26.35 -14.40 14.36
CA GLU D 59 -26.62 -13.83 15.72
C GLU D 59 -25.88 -12.55 16.04
N PRO D 60 -24.56 -12.46 15.75
CA PRO D 60 -23.93 -11.14 16.14
C PRO D 60 -24.54 -9.91 15.46
N LEU D 61 -24.98 -10.04 14.23
CA LEU D 61 -25.62 -8.98 13.46
C LEU D 61 -26.94 -8.64 14.04
N LEU D 62 -27.75 -9.68 14.33
CA LEU D 62 -29.05 -9.46 14.98
C LEU D 62 -28.97 -8.86 16.39
N THR D 63 -28.08 -9.34 17.22
CA THR D 63 -27.83 -8.77 18.54
C THR D 63 -27.36 -7.30 18.45
N PHE D 64 -26.57 -6.98 17.44
CA PHE D 64 -26.08 -5.60 17.32
C PHE D 64 -27.31 -4.76 16.92
N MET D 65 -28.14 -5.24 16.00
CA MET D 65 -29.30 -4.48 15.56
C MET D 65 -30.20 -4.24 16.75
N GLU D 66 -30.20 -5.18 17.68
CA GLU D 66 -30.99 -5.14 18.93
C GLU D 66 -30.58 -4.06 19.88
N SER D 67 -29.29 -4.03 20.15
CA SER D 67 -28.67 -2.98 20.94
C SER D 67 -28.77 -1.56 20.40
N LEU D 68 -29.06 -1.36 19.11
CA LEU D 68 -28.94 -0.03 18.52
C LEU D 68 -29.96 0.85 19.26
N PRO D 69 -29.48 1.92 19.95
CA PRO D 69 -30.37 2.85 20.66
C PRO D 69 -31.64 3.20 19.91
N GLN D 70 -32.69 3.42 20.66
CA GLN D 70 -33.93 3.92 20.11
C GLN D 70 -33.70 5.06 19.05
N GLY D 71 -34.34 5.00 17.86
CA GLY D 71 -34.17 6.05 16.84
C GLY D 71 -32.81 6.06 16.10
N GLU D 72 -31.83 5.22 16.45
CA GLU D 72 -30.59 5.22 15.68
C GLU D 72 -30.85 4.40 14.38
N LYS D 73 -30.17 4.77 13.31
CA LYS D 73 -30.30 4.10 11.98
C LYS D 73 -28.95 3.77 11.32
N VAL D 74 -28.91 2.70 10.51
CA VAL D 74 -27.65 2.27 9.87
C VAL D 74 -27.87 1.91 8.40
N ILE D 75 -26.80 1.96 7.64
CA ILE D 75 -26.75 1.42 6.31
C ILE D 75 -25.93 0.10 6.36
N LEU D 76 -26.59 -1.00 5.98
CA LEU D 76 -25.91 -2.29 5.88
C LEU D 76 -25.20 -2.45 4.55
N VAL D 77 -24.01 -3.01 4.63
CA VAL D 77 -23.20 -3.37 3.50
C VAL D 77 -22.80 -4.78 3.74
N GLY D 78 -23.17 -5.63 2.82
CA GLY D 78 -22.83 -7.06 2.84
C GLY D 78 -22.15 -7.49 1.53
N GLU D 79 -21.04 -8.25 1.66
CA GLU D 79 -20.33 -8.80 0.52
C GLU D 79 -20.73 -10.25 0.43
N SER D 80 -20.83 -10.74 -0.78
CA SER D 80 -21.05 -12.22 -1.04
C SER D 80 -22.24 -12.83 -0.28
N CYS D 81 -22.15 -13.88 0.56
CA CYS D 81 -23.40 -14.38 1.28
C CYS D 81 -23.82 -13.48 2.42
N GLY D 82 -23.01 -12.37 2.61
CA GLY D 82 -23.37 -11.30 3.48
C GLY D 82 -24.70 -10.67 3.16
N GLY D 83 -25.08 -10.75 1.88
CA GLY D 83 -26.39 -10.25 1.50
C GLY D 83 -27.59 -11.01 2.07
N LEU D 84 -27.39 -12.26 2.32
CA LEU D 84 -28.37 -13.03 3.07
C LEU D 84 -28.54 -12.58 4.53
N ASN D 85 -27.42 -12.25 5.19
CA ASN D 85 -27.47 -11.84 6.61
C ASN D 85 -28.17 -10.49 6.65
N ILE D 86 -27.87 -9.61 5.68
CA ILE D 86 -28.53 -8.31 5.55
C ILE D 86 -29.99 -8.58 5.53
N ALA D 87 -30.37 -9.52 4.67
CA ALA D 87 -31.80 -9.68 4.46
C ALA D 87 -32.53 -10.10 5.75
N LEU D 88 -31.93 -11.02 6.54
CA LEU D 88 -32.49 -11.41 7.86
C LEU D 88 -32.53 -10.24 8.85
N ALA D 89 -31.47 -9.41 8.88
CA ALA D 89 -31.53 -8.16 9.64
C ALA D 89 -32.64 -7.24 9.16
N ALA D 90 -32.79 -7.07 7.84
CA ALA D 90 -33.81 -6.15 7.27
C ALA D 90 -35.21 -6.62 7.63
N ASP D 91 -35.35 -7.91 7.74
CA ASP D 91 -36.63 -8.47 8.00
C ASP D 91 -37.08 -8.24 9.44
N LYS D 92 -36.17 -8.38 10.41
N LYS D 92 -36.18 -8.39 10.42
CA LYS D 92 -36.53 -8.25 11.85
CA LYS D 92 -36.53 -8.22 11.85
C LYS D 92 -36.40 -6.78 12.30
C LYS D 92 -36.39 -6.78 12.32
N TYR D 93 -35.61 -5.95 11.61
CA TYR D 93 -35.39 -4.55 12.03
C TYR D 93 -35.44 -3.52 10.89
N PRO D 94 -36.54 -3.51 10.16
CA PRO D 94 -36.68 -2.58 9.00
C PRO D 94 -36.61 -1.08 9.35
N GLU D 95 -37.23 -0.69 10.45
CA GLU D 95 -37.21 0.68 10.95
C GLU D 95 -35.77 1.20 11.26
N LYS D 96 -34.81 0.28 11.52
CA LYS D 96 -33.43 0.72 11.86
C LYS D 96 -32.47 0.78 10.69
N ILE D 97 -32.94 0.39 9.50
CA ILE D 97 -32.11 0.29 8.30
C ILE D 97 -32.49 1.31 7.25
N SER D 98 -31.60 2.27 7.03
CA SER D 98 -31.87 3.33 6.07
C SER D 98 -31.73 2.74 4.66
N ALA D 99 -30.86 1.75 4.49
CA ALA D 99 -30.58 1.17 3.21
C ALA D 99 -29.63 -0.01 3.39
N ALA D 100 -29.54 -0.80 2.31
CA ALA D 100 -28.78 -2.06 2.27
C ALA D 100 -28.01 -2.07 0.96
N VAL D 101 -26.68 -2.20 1.06
CA VAL D 101 -25.85 -2.22 -0.09
C VAL D 101 -25.32 -3.65 -0.30
N PHE D 102 -25.57 -4.13 -1.51
CA PHE D 102 -25.04 -5.45 -1.99
C PHE D 102 -23.80 -5.22 -2.84
N HIS D 103 -22.70 -5.77 -2.36
CA HIS D 103 -21.37 -5.64 -2.93
C HIS D 103 -20.99 -7.10 -3.50
N ASN D 104 -21.08 -7.36 -4.81
CA ASN D 104 -20.94 -8.71 -5.38
C ASN D 104 -21.60 -9.75 -4.51
N ALA D 105 -22.85 -9.50 -4.19
CA ALA D 105 -23.47 -10.19 -3.13
C ALA D 105 -24.67 -10.93 -3.60
N LEU D 106 -24.98 -11.99 -2.86
CA LEU D 106 -26.21 -12.71 -3.08
C LEU D 106 -27.33 -11.79 -2.66
N MET D 107 -28.38 -11.62 -3.49
CA MET D 107 -29.49 -10.70 -3.15
C MET D 107 -30.82 -11.37 -3.27
N PRO D 108 -31.38 -11.85 -2.14
CA PRO D 108 -32.58 -12.65 -2.15
C PRO D 108 -33.81 -11.78 -2.36
N ASP D 109 -34.96 -12.40 -2.45
CA ASP D 109 -36.22 -11.66 -2.68
C ASP D 109 -37.13 -12.06 -1.53
N THR D 110 -38.44 -11.77 -1.70
CA THR D 110 -39.53 -12.01 -0.78
C THR D 110 -40.50 -13.03 -1.38
N GLU D 111 -40.49 -13.20 -2.71
CA GLU D 111 -41.49 -14.04 -3.35
C GLU D 111 -41.06 -15.53 -3.35
N HIS D 112 -39.74 -15.78 -3.40
CA HIS D 112 -39.17 -17.15 -3.49
C HIS D 112 -38.62 -17.60 -2.14
N SER D 113 -38.27 -18.88 -2.00
CA SER D 113 -37.61 -19.37 -0.78
C SER D 113 -36.33 -18.51 -0.52
N PRO D 114 -35.94 -18.31 0.77
CA PRO D 114 -34.63 -17.71 1.06
C PRO D 114 -33.47 -18.40 0.36
N SER D 115 -33.56 -19.72 0.12
CA SER D 115 -32.49 -20.42 -0.59
C SER D 115 -32.37 -20.15 -2.10
N TYR D 116 -33.43 -19.48 -2.64
CA TYR D 116 -33.57 -19.24 -4.09
C TYR D 116 -32.31 -18.79 -4.83
N VAL D 117 -31.69 -17.67 -4.42
CA VAL D 117 -30.56 -17.15 -5.20
C VAL D 117 -29.29 -17.99 -4.97
N VAL D 118 -29.19 -18.64 -3.80
CA VAL D 118 -28.13 -19.61 -3.51
C VAL D 118 -28.23 -20.84 -4.45
N ASP D 119 -29.41 -21.43 -4.48
CA ASP D 119 -29.70 -22.51 -5.42
C ASP D 119 -29.21 -22.15 -6.80
N LYS D 120 -29.63 -20.98 -7.32
CA LYS D 120 -29.23 -20.59 -8.67
C LYS D 120 -27.73 -20.45 -8.83
N PHE D 121 -27.08 -19.84 -7.86
CA PHE D 121 -25.61 -19.67 -7.92
C PHE D 121 -24.91 -21.04 -8.06
N MET D 122 -25.36 -21.99 -7.21
CA MET D 122 -24.83 -23.36 -7.12
C MET D 122 -24.90 -24.18 -8.43
N GLU D 123 -26.03 -24.17 -9.14
CA GLU D 123 -26.10 -24.78 -10.48
C GLU D 123 -25.19 -24.04 -11.48
N VAL D 124 -25.29 -22.74 -11.56
CA VAL D 124 -24.40 -21.93 -12.41
C VAL D 124 -22.89 -22.03 -12.06
N PHE D 125 -22.52 -22.46 -10.85
CA PHE D 125 -21.05 -22.51 -10.48
C PHE D 125 -20.32 -23.80 -10.84
N PRO D 126 -19.27 -23.69 -11.71
CA PRO D 126 -18.72 -24.90 -12.37
C PRO D 126 -17.56 -25.60 -11.59
N ASP D 127 -16.88 -24.88 -10.69
CA ASP D 127 -15.56 -25.33 -10.27
C ASP D 127 -15.08 -24.76 -8.94
N TRP D 128 -15.37 -25.46 -7.85
CA TRP D 128 -14.68 -25.19 -6.56
C TRP D 128 -13.18 -25.52 -6.45
N LYS D 129 -12.62 -26.20 -7.48
CA LYS D 129 -11.17 -26.45 -7.55
C LYS D 129 -10.71 -27.14 -6.25
N ASP D 130 -9.82 -26.59 -5.46
CA ASP D 130 -9.26 -27.33 -4.28
C ASP D 130 -9.99 -27.04 -2.96
N THR D 131 -11.20 -26.54 -3.02
CA THR D 131 -12.06 -26.30 -1.87
C THR D 131 -12.40 -27.64 -1.16
N GLU D 132 -12.39 -27.67 0.19
CA GLU D 132 -12.66 -28.95 0.93
C GLU D 132 -14.02 -28.91 1.55
N PHE D 133 -14.78 -29.92 1.32
CA PHE D 133 -16.14 -29.95 1.78
C PHE D 133 -16.25 -31.11 2.80
N SER D 134 -16.97 -30.86 3.88
CA SER D 134 -17.16 -31.82 4.95
C SER D 134 -18.60 -31.66 5.38
N THR D 135 -19.17 -32.63 6.11
CA THR D 135 -20.50 -32.38 6.74
C THR D 135 -20.48 -32.59 8.27
N TYR D 136 -21.52 -32.08 8.94
CA TYR D 136 -21.72 -32.27 10.38
C TYR D 136 -23.23 -32.25 10.66
N THR D 137 -23.60 -32.66 11.87
CA THR D 137 -25.02 -32.88 12.22
C THR D 137 -25.66 -32.10 13.42
N SER D 138 -27.00 -32.11 13.45
CA SER D 138 -27.79 -31.41 14.48
C SER D 138 -29.10 -32.14 14.87
N ASN D 139 -30.28 -31.52 14.79
CA ASN D 139 -31.54 -32.19 15.21
C ASN D 139 -32.23 -32.93 14.02
N ASN D 140 -31.79 -34.15 13.74
CA ASN D 140 -32.13 -34.87 12.48
C ASN D 140 -31.62 -34.07 11.28
N GLU D 141 -30.57 -33.22 11.44
CA GLU D 141 -30.03 -32.37 10.33
C GLU D 141 -28.54 -32.53 10.02
N THR D 142 -28.20 -32.37 8.74
CA THR D 142 -26.82 -32.40 8.24
C THR D 142 -26.56 -31.13 7.40
N ILE D 143 -25.36 -30.60 7.57
CA ILE D 143 -24.97 -29.27 7.11
C ILE D 143 -23.65 -29.43 6.36
N THR D 144 -23.53 -28.71 5.27
CA THR D 144 -22.33 -28.78 4.46
C THR D 144 -21.47 -27.58 4.82
N GLY D 145 -20.25 -27.90 5.25
CA GLY D 145 -19.24 -26.91 5.51
C GLY D 145 -18.23 -26.91 4.42
N MET D 146 -17.62 -25.72 4.15
CA MET D 146 -16.49 -25.66 3.24
C MET D 146 -15.30 -24.89 3.78
N LYS D 147 -14.08 -25.22 3.33
CA LYS D 147 -12.87 -24.34 3.52
C LYS D 147 -12.42 -24.00 2.16
N LEU D 148 -12.44 -22.76 1.83
CA LEU D 148 -12.06 -22.34 0.50
C LEU D 148 -10.69 -22.76 0.14
N GLY D 149 -10.48 -23.31 -1.05
CA GLY D 149 -9.13 -23.72 -1.39
C GLY D 149 -8.31 -22.44 -1.73
N PHE D 150 -7.04 -22.55 -1.49
CA PHE D 150 -6.14 -21.50 -1.83
C PHE D 150 -6.11 -21.15 -3.30
N LYS D 151 -6.13 -22.18 -4.17
CA LYS D 151 -6.13 -21.89 -5.56
C LYS D 151 -7.44 -21.21 -5.94
N LEU D 152 -8.54 -21.70 -5.39
CA LEU D 152 -9.83 -21.07 -5.71
C LEU D 152 -9.76 -19.61 -5.28
N MET D 153 -9.17 -19.38 -4.10
CA MET D 153 -9.17 -18.01 -3.59
C MET D 153 -8.26 -17.10 -4.44
N ARG D 154 -7.07 -17.61 -4.78
CA ARG D 154 -6.17 -16.89 -5.68
C ARG D 154 -6.82 -16.46 -7.03
N GLU D 155 -7.35 -17.45 -7.73
CA GLU D 155 -7.76 -17.30 -9.09
C GLU D 155 -9.17 -16.74 -9.19
N ASN D 156 -10.01 -16.97 -8.21
CA ASN D 156 -11.38 -16.58 -8.43
C ASN D 156 -11.94 -15.48 -7.54
N LEU D 157 -11.40 -15.38 -6.35
CA LEU D 157 -11.88 -14.33 -5.42
C LEU D 157 -10.97 -13.08 -5.39
N TYR D 158 -9.68 -13.30 -5.17
CA TYR D 158 -8.72 -12.25 -4.95
C TYR D 158 -7.89 -11.92 -6.23
N THR D 159 -8.47 -12.26 -7.38
CA THR D 159 -7.83 -12.19 -8.68
C THR D 159 -6.98 -10.93 -8.94
N ASN D 160 -7.51 -9.75 -8.57
CA ASN D 160 -6.80 -8.41 -8.82
C ASN D 160 -6.61 -7.65 -7.56
N CYS D 161 -6.31 -8.40 -6.54
CA CYS D 161 -6.03 -7.81 -5.26
C CYS D 161 -4.52 -7.86 -5.10
N PRO D 162 -3.96 -6.95 -4.32
CA PRO D 162 -2.48 -7.14 -4.18
C PRO D 162 -2.18 -8.44 -3.38
N ILE D 163 -1.01 -8.99 -3.59
N ILE D 163 -0.98 -8.98 -3.57
CA ILE D 163 -0.67 -10.28 -3.03
CA ILE D 163 -0.64 -10.31 -3.06
C ILE D 163 -0.93 -10.36 -1.51
C ILE D 163 -0.74 -10.41 -1.51
N GLU D 164 -0.62 -9.28 -0.82
CA GLU D 164 -0.76 -9.28 0.65
C GLU D 164 -2.16 -9.57 1.11
N ASP D 165 -3.13 -9.14 0.30
CA ASP D 165 -4.53 -9.51 0.61
C ASP D 165 -4.82 -10.97 0.55
N TYR D 166 -4.28 -11.62 -0.48
CA TYR D 166 -4.41 -12.99 -0.61
C TYR D 166 -3.70 -13.70 0.53
N GLU D 167 -2.56 -13.19 0.92
CA GLU D 167 -1.80 -13.82 2.00
C GLU D 167 -2.60 -13.74 3.33
N LEU D 168 -3.25 -12.59 3.51
CA LEU D 168 -4.16 -12.45 4.69
C LEU D 168 -5.31 -13.47 4.67
N ALA D 169 -5.97 -13.66 3.51
CA ALA D 169 -7.05 -14.60 3.33
C ALA D 169 -6.52 -16.03 3.67
N LYS D 170 -5.30 -16.36 3.22
CA LYS D 170 -4.67 -17.64 3.59
C LYS D 170 -4.49 -17.80 5.10
N MET D 171 -4.17 -16.75 5.82
CA MET D 171 -3.80 -16.89 7.20
C MET D 171 -5.07 -16.86 8.02
N LEU D 172 -6.18 -16.37 7.45
CA LEU D 172 -7.40 -16.05 8.29
C LEU D 172 -8.76 -16.77 7.90
N THR D 173 -8.90 -17.24 6.67
CA THR D 173 -10.17 -17.86 6.26
C THR D 173 -10.33 -19.18 7.04
N ARG D 174 -11.57 -19.50 7.36
CA ARG D 174 -11.94 -20.59 8.26
C ARG D 174 -13.01 -21.42 7.64
N LYS D 175 -13.27 -22.59 8.19
CA LYS D 175 -14.44 -23.34 7.68
C LYS D 175 -15.71 -22.55 7.96
N GLY D 176 -16.60 -22.52 6.96
CA GLY D 176 -17.92 -21.92 7.07
C GLY D 176 -19.03 -22.75 6.39
N SER D 177 -20.21 -22.17 6.29
CA SER D 177 -21.32 -22.78 5.57
C SER D 177 -22.35 -21.77 5.02
N PHE D 178 -22.88 -22.06 3.84
CA PHE D 178 -24.09 -21.40 3.30
C PHE D 178 -25.36 -21.68 4.13
N PHE D 179 -25.36 -22.80 4.87
CA PHE D 179 -26.58 -23.38 5.51
C PHE D 179 -27.68 -23.50 4.44
N GLN D 180 -27.32 -24.03 3.27
CA GLN D 180 -28.24 -24.08 2.11
C GLN D 180 -29.51 -24.85 2.41
N ASN D 181 -29.36 -25.94 3.17
CA ASN D 181 -30.52 -26.76 3.55
C ASN D 181 -31.43 -26.00 4.48
N ASP D 182 -30.87 -25.27 5.45
CA ASP D 182 -31.74 -24.52 6.36
C ASP D 182 -32.45 -23.37 5.65
N LEU D 183 -31.72 -22.60 4.84
CA LEU D 183 -32.33 -21.54 4.02
C LEU D 183 -33.54 -22.10 3.22
N ALA D 184 -33.36 -23.29 2.66
CA ALA D 184 -34.35 -23.95 1.86
C ALA D 184 -35.68 -24.11 2.57
N GLN D 185 -35.67 -24.35 3.89
CA GLN D 185 -36.92 -24.59 4.66
C GLN D 185 -37.41 -23.40 5.57
N ARG D 186 -36.62 -22.33 5.67
N ARG D 186 -36.61 -22.36 5.85
CA ARG D 186 -37.01 -21.06 6.35
CA ARG D 186 -37.08 -21.25 6.73
C ARG D 186 -38.26 -20.37 5.79
C ARG D 186 -38.09 -20.35 5.94
N PRO D 187 -39.06 -19.70 6.71
CA PRO D 187 -40.04 -18.75 6.18
C PRO D 187 -39.43 -17.72 5.23
N LYS D 188 -40.17 -17.37 4.20
CA LYS D 188 -39.72 -16.42 3.21
C LYS D 188 -39.50 -15.08 3.87
N PHE D 189 -38.44 -14.40 3.46
CA PHE D 189 -38.42 -12.97 3.78
C PHE D 189 -39.75 -12.24 3.42
N THR D 190 -40.17 -11.34 4.35
CA THR D 190 -41.45 -10.62 4.25
C THR D 190 -41.31 -9.33 3.45
N GLU D 191 -42.43 -8.98 2.83
CA GLU D 191 -42.64 -7.78 2.06
C GLU D 191 -42.59 -6.58 3.01
N GLU D 192 -43.14 -6.70 4.23
CA GLU D 192 -43.05 -5.58 5.25
C GLU D 192 -41.60 -5.34 5.66
N GLY D 193 -40.80 -6.38 5.87
CA GLY D 193 -39.42 -6.24 6.43
C GLY D 193 -38.44 -5.93 5.32
N TYR D 194 -37.75 -6.98 4.88
CA TYR D 194 -36.71 -6.90 3.86
C TYR D 194 -37.17 -6.18 2.50
N GLY D 195 -38.37 -6.52 2.09
CA GLY D 195 -39.00 -5.88 0.92
C GLY D 195 -39.38 -4.40 1.01
N SER D 196 -39.39 -3.81 2.21
CA SER D 196 -39.58 -2.38 2.40
C SER D 196 -38.29 -1.54 2.41
N ILE D 197 -37.06 -2.12 2.42
CA ILE D 197 -35.86 -1.25 2.54
C ILE D 197 -35.20 -0.91 1.23
N LYS D 198 -34.55 0.23 1.17
CA LYS D 198 -33.89 0.62 -0.08
C LYS D 198 -32.68 -0.30 -0.32
N ARG D 199 -32.56 -0.84 -1.56
CA ARG D 199 -31.49 -1.76 -1.89
C ARG D 199 -30.61 -1.17 -3.02
N VAL D 200 -29.31 -1.16 -2.77
CA VAL D 200 -28.36 -0.66 -3.73
C VAL D 200 -27.53 -1.88 -4.15
N TYR D 201 -27.36 -2.07 -5.46
CA TYR D 201 -26.57 -3.23 -5.99
C TYR D 201 -25.29 -2.81 -6.66
N VAL D 202 -24.18 -3.20 -6.05
CA VAL D 202 -22.86 -2.87 -6.56
C VAL D 202 -22.21 -4.14 -7.11
N TRP D 203 -21.63 -4.08 -8.29
CA TRP D 203 -21.00 -5.30 -8.86
C TRP D 203 -19.97 -4.98 -9.88
N THR D 204 -19.14 -5.98 -10.18
CA THR D 204 -18.24 -5.89 -11.31
C THR D 204 -18.45 -7.03 -12.25
N ASP D 205 -18.43 -6.67 -13.52
CA ASP D 205 -18.44 -7.69 -14.57
C ASP D 205 -17.20 -8.53 -14.65
N GLU D 206 -16.15 -8.25 -13.88
CA GLU D 206 -14.97 -9.08 -13.83
C GLU D 206 -14.94 -10.05 -12.67
N ASP D 207 -16.05 -10.19 -11.97
CA ASP D 207 -16.14 -11.07 -10.85
C ASP D 207 -16.02 -12.52 -11.32
N LYS D 208 -15.02 -13.21 -10.83
CA LYS D 208 -14.73 -14.55 -11.36
C LYS D 208 -15.29 -15.67 -10.51
N ILE D 209 -16.09 -15.37 -9.50
CA ILE D 209 -16.90 -16.34 -8.80
C ILE D 209 -18.37 -16.04 -9.09
N PHE D 210 -18.79 -14.77 -9.21
CA PHE D 210 -20.20 -14.42 -9.61
C PHE D 210 -20.18 -13.80 -10.99
N PRO D 211 -20.30 -14.60 -12.05
CA PRO D 211 -20.20 -14.03 -13.35
C PRO D 211 -21.39 -13.15 -13.72
N PRO D 212 -21.25 -12.34 -14.78
CA PRO D 212 -22.28 -11.34 -15.11
C PRO D 212 -23.63 -11.95 -15.41
N GLU D 213 -23.59 -13.06 -16.11
CA GLU D 213 -24.79 -13.90 -16.37
CA GLU D 213 -24.81 -13.84 -16.40
C GLU D 213 -25.65 -13.85 -15.12
N PHE D 214 -25.06 -14.36 -14.03
CA PHE D 214 -25.76 -14.48 -12.73
C PHE D 214 -26.14 -13.16 -11.98
N GLN D 215 -25.24 -12.17 -12.00
CA GLN D 215 -25.49 -10.88 -11.30
C GLN D 215 -26.56 -10.08 -12.07
N LEU D 216 -26.52 -10.14 -13.39
CA LEU D 216 -27.62 -9.46 -14.14
C LEU D 216 -28.96 -10.16 -13.82
N TRP D 217 -28.90 -11.50 -13.67
CA TRP D 217 -30.11 -12.27 -13.31
C TRP D 217 -30.63 -11.89 -11.93
N GLN D 218 -29.76 -11.73 -10.94
CA GLN D 218 -30.20 -11.34 -9.57
C GLN D 218 -30.93 -10.02 -9.50
N ILE D 219 -30.34 -9.09 -10.29
CA ILE D 219 -30.74 -7.68 -10.55
C ILE D 219 -32.07 -7.65 -11.25
N GLU D 220 -32.17 -8.32 -12.39
CA GLU D 220 -33.46 -8.46 -13.08
C GLU D 220 -34.50 -9.15 -12.15
N ASN D 221 -34.11 -10.18 -11.37
CA ASN D 221 -35.06 -10.93 -10.48
C ASN D 221 -35.72 -10.13 -9.36
N TYR D 222 -35.00 -9.17 -8.79
CA TYR D 222 -35.55 -8.31 -7.72
C TYR D 222 -34.93 -6.94 -7.85
N LYS D 223 -35.69 -6.08 -8.53
CA LYS D 223 -35.16 -4.81 -8.98
C LYS D 223 -34.72 -3.92 -7.80
N PRO D 224 -33.43 -3.57 -7.75
CA PRO D 224 -32.97 -2.64 -6.67
C PRO D 224 -33.28 -1.20 -7.04
N ASP D 225 -33.12 -0.30 -6.10
CA ASP D 225 -33.37 1.14 -6.36
C ASP D 225 -32.21 1.78 -7.10
N LYS D 226 -31.01 1.21 -6.98
CA LYS D 226 -29.87 1.78 -7.66
C LYS D 226 -28.90 0.68 -7.97
N VAL D 227 -28.32 0.69 -9.16
CA VAL D 227 -27.24 -0.22 -9.51
C VAL D 227 -25.95 0.59 -9.77
N TYR D 228 -24.81 0.16 -9.22
CA TYR D 228 -23.51 0.73 -9.66
C TYR D 228 -22.62 -0.38 -10.22
N ARG D 229 -22.02 -0.20 -11.38
CA ARG D 229 -21.12 -1.18 -11.84
C ARG D 229 -19.74 -0.55 -11.77
N VAL D 230 -18.76 -1.26 -11.25
CA VAL D 230 -17.40 -0.77 -11.12
C VAL D 230 -16.62 -1.46 -12.23
N GLN D 231 -15.79 -0.69 -12.93
CA GLN D 231 -14.91 -1.27 -13.94
C GLN D 231 -13.75 -1.98 -13.27
N GLY D 232 -13.51 -3.18 -13.74
CA GLY D 232 -12.42 -3.94 -13.27
C GLY D 232 -12.62 -4.51 -11.86
N GLY D 233 -11.49 -4.85 -11.26
CA GLY D 233 -11.48 -5.27 -9.87
C GLY D 233 -11.79 -6.75 -9.91
N ASP D 234 -12.50 -7.23 -8.90
CA ASP D 234 -12.66 -8.68 -8.79
C ASP D 234 -13.78 -8.84 -7.80
N HIS D 235 -13.97 -10.02 -7.25
CA HIS D 235 -15.06 -10.30 -6.34
C HIS D 235 -14.98 -9.50 -5.02
N LYS D 236 -13.74 -9.20 -4.61
CA LYS D 236 -13.46 -8.48 -3.34
C LYS D 236 -13.17 -7.04 -3.63
N LEU D 237 -14.22 -6.34 -4.08
CA LEU D 237 -14.13 -4.93 -4.40
C LEU D 237 -13.71 -4.02 -3.26
N GLN D 238 -13.97 -4.42 -2.04
CA GLN D 238 -13.43 -3.74 -0.89
C GLN D 238 -11.97 -3.78 -0.68
N LEU D 239 -11.30 -4.70 -1.36
CA LEU D 239 -9.92 -4.81 -1.38
C LEU D 239 -9.40 -4.35 -2.71
N SER D 240 -10.01 -4.68 -3.83
CA SER D 240 -9.36 -4.38 -5.10
C SER D 240 -9.70 -3.01 -5.68
N LYS D 241 -10.82 -2.46 -5.24
CA LYS D 241 -11.28 -1.13 -5.66
C LYS D 241 -11.81 -0.36 -4.43
N THR D 242 -11.06 -0.41 -3.33
CA THR D 242 -11.54 0.19 -2.07
C THR D 242 -12.05 1.65 -2.27
N ASN D 243 -11.22 2.52 -2.90
CA ASN D 243 -11.56 3.91 -3.08
C ASN D 243 -12.87 4.14 -3.85
N GLU D 244 -13.01 3.49 -4.98
CA GLU D 244 -14.27 3.45 -5.74
C GLU D 244 -15.47 3.00 -4.92
N LEU D 245 -15.26 2.06 -4.03
CA LEU D 245 -16.31 1.58 -3.22
C LEU D 245 -16.68 2.61 -2.12
N ALA D 246 -15.70 3.16 -1.42
CA ALA D 246 -15.92 4.32 -0.50
C ALA D 246 -16.72 5.50 -1.22
N GLU D 247 -16.39 5.75 -2.46
CA GLU D 247 -16.93 6.85 -3.21
C GLU D 247 -18.44 6.56 -3.51
N ILE D 248 -18.74 5.34 -3.91
CA ILE D 248 -20.13 4.86 -4.02
C ILE D 248 -20.92 4.94 -2.69
N LEU D 249 -20.30 4.48 -1.65
CA LEU D 249 -20.98 4.51 -0.33
C LEU D 249 -21.26 5.93 0.20
N GLN D 250 -20.37 6.85 -0.12
CA GLN D 250 -20.62 8.27 0.14
C GLN D 250 -21.85 8.74 -0.64
N GLU D 251 -21.95 8.39 -1.92
CA GLU D 251 -23.23 8.70 -2.65
C GLU D 251 -24.41 8.01 -1.96
N VAL D 252 -24.23 6.76 -1.47
CA VAL D 252 -25.33 6.05 -0.85
C VAL D 252 -25.75 6.84 0.41
N ALA D 253 -24.77 7.29 1.18
CA ALA D 253 -25.00 8.10 2.35
C ALA D 253 -25.67 9.40 1.95
N ASP D 254 -25.24 10.07 0.88
CA ASP D 254 -25.94 11.31 0.45
C ASP D 254 -27.40 11.11 0.07
N THR D 255 -27.72 9.92 -0.42
CA THR D 255 -29.08 9.65 -0.89
C THR D 255 -29.98 9.19 0.25
N TYR D 256 -29.50 8.28 1.10
CA TYR D 256 -30.39 7.52 2.03
C TYR D 256 -30.15 7.71 3.49
N ALA D 257 -29.00 8.28 3.93
CA ALA D 257 -28.75 8.34 5.38
C ALA D 257 -29.77 9.22 6.06
N ASP D 258 -30.15 8.86 7.29
CA ASP D 258 -31.15 9.63 8.05
C ASP D 258 -30.47 10.85 8.67
N LEU D 259 -30.88 12.03 8.28
CA LEU D 259 -30.19 13.22 8.71
C LEU D 259 -30.47 13.59 10.24
N LEU D 260 -31.48 12.99 10.90
CA LEU D 260 -31.88 13.33 12.27
C LEU D 260 -31.68 12.12 13.32
N ALA D 261 -30.44 12.00 13.85
CA ALA D 261 -29.96 11.00 14.87
C ALA D 261 -31.05 10.08 15.48
C1 GOL E . 1.07 2.90 -24.96
O1 GOL E . 1.33 2.37 -26.30
C2 GOL E . 2.10 2.33 -23.94
O2 GOL E . 3.47 2.66 -24.30
C3 GOL E . 1.81 2.94 -22.56
O3 GOL E . 2.02 2.10 -21.37
C1 GOL F . 12.80 21.29 2.59
O1 GOL F . 12.79 22.51 3.39
C2 GOL F . 11.35 20.99 2.10
O2 GOL F . 11.29 21.42 0.75
C3 GOL F . 11.04 19.49 2.16
O3 GOL F . 9.70 18.98 2.21
C1 GOL G . 0.88 10.90 22.69
O1 GOL G . 0.84 12.18 21.99
C2 GOL G . 2.29 10.51 23.14
O2 GOL G . 2.38 11.13 24.44
C3 GOL G . 2.55 8.96 23.21
O3 GOL G . 2.14 8.30 24.45
C1 GOL H . 2.90 -6.17 21.53
O1 GOL H . 3.29 -6.21 20.09
C2 GOL H . 3.74 -6.76 22.70
O2 GOL H . 3.55 -8.19 22.79
C3 GOL H . 3.41 -6.15 24.13
O3 GOL H . 4.29 -6.63 25.20
C1 GOL I . 20.81 10.20 13.03
O1 GOL I . 19.78 10.56 13.94
C2 GOL I . 20.27 9.02 12.18
O2 GOL I . 21.17 8.81 11.10
C3 GOL I . 20.28 7.63 12.86
O3 GOL I . 19.01 7.29 13.53
C1 GOL J . -17.13 -15.28 -1.48
O1 GOL J . -15.90 -14.91 -0.82
C2 GOL J . -17.88 -16.58 -1.10
O2 GOL J . -17.39 -17.23 0.09
C3 GOL J . -17.77 -17.58 -2.26
O3 GOL J . -18.66 -18.65 -2.01
#